data_3WKM
#
_entry.id   3WKM
#
_cell.length_a   51.243
_cell.length_b   86.042
_cell.length_c   92.542
_cell.angle_alpha   100.84
_cell.angle_beta   96.92
_cell.angle_gamma   101.32
#
_symmetry.space_group_name_H-M   'P 1'
#
loop_
_entity.id
_entity.type
_entity.pdbx_description
1 polymer 'Putative zinc metalloprotease aq_1964'
2 polymer 'MOUSE IGG1-KAPPA FAB (HEAVY CHAIN)'
3 polymer 'MOUSE IGG1-KAPPA FAB (LIGHT CHAIN)'
4 water water
#
loop_
_entity_poly.entity_id
_entity_poly.type
_entity_poly.pdbx_seq_one_letter_code
_entity_poly.pdbx_strand_id
1 'polypeptide(L)'
;GSEVPKYLKEPVVVGYVQRDSIAQKIGIKPGDKIIKINGYEVRTWEDLRDALIRLSLDGVKETTLFLERNGEVLHLTIKV
PNVQKGEELGIAPLVKPVVGGVKKGSPADQVGIKPGDLILEVNGKKINTWYELVEEVRKSQGKAIKLKILRNGKMIEKEL
IPAKDPKTGTYFIGLFPKTE
;
A,B
2 'polypeptide(L)'
;EVQLQQSGAELVKPGASVKLSCTASGFNIKDTYLHWVKQRPEHGLEWIGRIDPANGNAKYDPKFQDKATITADTSSNTAY
LQLNSLTSEDTAVYYCSNRQLGLRGYYYAMDYWGQGTSVSVSSAKTTPPSVYPLAPGSAAQTNSMVTLGCLVKGYFPEPV
TVTWNSGSLSSGVHTFPAVLQSDLYTLSSSVTVPSSTWPSETVTCNVAHPASSTKVDKKIVPRDC
;
H,I
3 'polypeptide(L)'
;YIVLTQSPVSLAVSLGQRATISCRASESVDSYGDSFMHWYQQKPGQPPKLLIYLASNLESGVPARFSGSGSRTDFTLTID
PVEADDAATYYCQQNNEDPWTFGGGTKLEIKRADAAPTVSIFPPSSEQLTSGGASVVCFLNNFYPKDINVKWKIDGSERQ
NGVLNSWTDQDSKDSTYSMSSTLTLTKDEYERHNSYTCEATHKTSTSPIVKSFNRNEC
;
L,M
#
# COMPACT_ATOMS: atom_id res chain seq x y z
N VAL A 4 -4.73 -23.34 33.28
CA VAL A 4 -4.94 -22.92 31.85
C VAL A 4 -6.11 -23.67 31.18
N PRO A 5 -6.82 -22.99 30.24
CA PRO A 5 -7.95 -23.64 29.57
C PRO A 5 -7.48 -24.84 28.75
N LYS A 6 -8.29 -25.89 28.75
CA LYS A 6 -7.88 -27.16 28.15
C LYS A 6 -8.01 -27.20 26.62
N TYR A 7 -8.78 -26.28 26.03
CA TYR A 7 -8.91 -26.19 24.57
C TYR A 7 -7.57 -25.86 23.88
N LEU A 8 -6.67 -25.16 24.59
CA LEU A 8 -5.37 -24.77 24.03
C LEU A 8 -4.56 -25.94 23.49
N LYS A 9 -4.73 -27.11 24.12
CA LYS A 9 -4.04 -28.33 23.68
C LYS A 9 -4.94 -29.24 22.82
N GLU A 10 -6.18 -28.82 22.57
CA GLU A 10 -7.13 -29.58 21.75
C GLU A 10 -7.10 -29.19 20.26
N PRO A 11 -7.59 -30.07 19.36
CA PRO A 11 -7.66 -29.70 17.93
C PRO A 11 -8.51 -28.46 17.66
N VAL A 12 -8.24 -27.80 16.55
CA VAL A 12 -8.88 -26.53 16.20
C VAL A 12 -10.18 -26.76 15.42
N VAL A 13 -11.23 -27.11 16.15
CA VAL A 13 -12.56 -27.20 15.57
C VAL A 13 -13.30 -25.90 15.88
N VAL A 14 -13.69 -25.18 14.82
CA VAL A 14 -14.32 -23.88 14.98
C VAL A 14 -15.69 -24.05 15.62
N GLY A 15 -15.92 -23.34 16.73
CA GLY A 15 -17.23 -23.31 17.35
C GLY A 15 -17.93 -21.98 17.14
N TYR A 16 -17.14 -20.91 17.06
CA TYR A 16 -17.67 -19.57 16.90
C TYR A 16 -16.87 -18.74 15.90
N VAL A 17 -17.59 -18.00 15.07
CA VAL A 17 -16.96 -17.08 14.13
C VAL A 17 -17.37 -15.64 14.44
N GLN A 18 -16.42 -14.81 14.88
CA GLN A 18 -16.69 -13.40 15.19
C GLN A 18 -17.19 -12.63 13.99
N ARG A 19 -18.14 -11.72 14.22
CA ARG A 19 -18.74 -10.98 13.10
C ARG A 19 -17.80 -9.92 12.57
N ASP A 20 -17.78 -9.78 11.25
CA ASP A 20 -16.89 -8.85 10.56
C ASP A 20 -15.40 -9.17 10.70
N SER A 21 -15.11 -10.39 11.15
N SER A 21 -15.11 -10.39 11.15
CA SER A 21 -13.74 -10.85 11.34
CA SER A 21 -13.74 -10.81 11.28
C SER A 21 -13.19 -11.43 10.03
C SER A 21 -13.20 -11.27 9.94
N ILE A 22 -11.87 -11.36 9.87
CA ILE A 22 -11.17 -12.04 8.75
C ILE A 22 -11.77 -13.43 8.52
N ALA A 23 -12.00 -14.16 9.59
CA ALA A 23 -12.59 -15.50 9.47
C ALA A 23 -13.93 -15.50 8.75
N GLN A 24 -14.83 -14.62 9.17
CA GLN A 24 -16.15 -14.51 8.56
C GLN A 24 -16.09 -14.04 7.12
N LYS A 25 -15.21 -13.09 6.83
N LYS A 25 -15.19 -13.09 6.86
CA LYS A 25 -15.09 -12.51 5.49
CA LYS A 25 -15.06 -12.44 5.56
C LYS A 25 -14.77 -13.58 4.45
C LYS A 25 -14.41 -13.35 4.52
N ILE A 26 -13.88 -14.50 4.81
N ILE A 26 -13.90 -14.50 4.97
CA ILE A 26 -13.45 -15.52 3.87
CA ILE A 26 -13.38 -15.50 4.06
C ILE A 26 -14.33 -16.76 3.92
C ILE A 26 -14.18 -16.81 4.13
N GLY A 27 -15.35 -16.75 4.78
CA GLY A 27 -16.29 -17.87 4.83
C GLY A 27 -15.99 -19.07 5.71
N ILE A 28 -15.14 -18.92 6.74
CA ILE A 28 -14.99 -20.01 7.72
C ILE A 28 -16.28 -20.23 8.52
N LYS A 29 -16.68 -21.49 8.70
CA LYS A 29 -17.94 -21.84 9.37
C LYS A 29 -17.68 -22.66 10.63
N PRO A 30 -18.62 -22.65 11.60
CA PRO A 30 -18.52 -23.60 12.70
C PRO A 30 -18.46 -25.03 12.17
N GLY A 31 -17.63 -25.86 12.77
CA GLY A 31 -17.42 -27.20 12.27
C GLY A 31 -16.15 -27.36 11.46
N ASP A 32 -15.64 -26.27 10.89
CA ASP A 32 -14.35 -26.28 10.18
C ASP A 32 -13.22 -26.69 11.12
N LYS A 33 -12.38 -27.61 10.66
CA LYS A 33 -11.20 -28.04 11.39
C LYS A 33 -9.94 -27.42 10.78
N ILE A 34 -9.35 -26.46 11.47
CA ILE A 34 -8.11 -25.86 10.99
C ILE A 34 -6.93 -26.79 11.21
N ILE A 35 -6.19 -27.08 10.15
CA ILE A 35 -5.11 -28.08 10.21
C ILE A 35 -3.72 -27.54 9.88
N LYS A 36 -3.65 -26.37 9.26
CA LYS A 36 -2.36 -25.78 8.90
C LYS A 36 -2.54 -24.35 8.45
N ILE A 37 -1.49 -23.54 8.62
CA ILE A 37 -1.46 -22.17 8.11
C ILE A 37 -0.03 -21.86 7.67
N ASN A 38 0.09 -21.30 6.46
CA ASN A 38 1.36 -21.25 5.71
C ASN A 38 2.04 -22.60 5.77
N GLY A 39 3.23 -22.61 6.36
CA GLY A 39 4.03 -23.82 6.56
C GLY A 39 4.05 -24.26 8.01
N TYR A 40 3.02 -23.86 8.77
CA TYR A 40 2.93 -24.25 10.19
C TYR A 40 1.77 -25.19 10.47
N GLU A 41 2.11 -26.41 10.86
CA GLU A 41 1.09 -27.41 11.20
C GLU A 41 0.33 -27.00 12.45
N VAL A 42 -0.99 -27.12 12.39
CA VAL A 42 -1.87 -26.69 13.46
C VAL A 42 -2.57 -27.92 14.01
N ARG A 43 -2.10 -28.40 15.15
CA ARG A 43 -2.74 -29.55 15.78
C ARG A 43 -3.61 -29.09 16.95
N THR A 44 -3.27 -27.95 17.52
CA THR A 44 -3.96 -27.41 18.68
C THR A 44 -4.19 -25.90 18.53
N TRP A 45 -5.08 -25.33 19.35
CA TRP A 45 -5.39 -23.90 19.34
C TRP A 45 -4.19 -23.04 19.63
N GLU A 46 -3.31 -23.57 20.47
CA GLU A 46 -2.01 -23.00 20.80
C GLU A 46 -1.08 -22.89 19.57
N ASP A 47 -1.04 -23.93 18.74
CA ASP A 47 -0.25 -23.90 17.51
C ASP A 47 -0.76 -22.78 16.59
N LEU A 48 -2.08 -22.71 16.43
CA LEU A 48 -2.71 -21.67 15.61
C LEU A 48 -2.30 -20.28 16.09
N ARG A 49 -2.50 -20.04 17.39
N ARG A 49 -2.50 -20.03 17.38
CA ARG A 49 -2.13 -18.77 18.02
CA ARG A 49 -2.12 -18.76 17.99
C ARG A 49 -0.66 -18.43 17.74
C ARG A 49 -0.66 -18.45 17.68
N ASP A 50 0.23 -19.39 17.99
CA ASP A 50 1.69 -19.20 17.79
C ASP A 50 2.09 -18.97 16.33
N ALA A 51 1.52 -19.75 15.42
CA ALA A 51 1.77 -19.55 13.99
C ALA A 51 1.35 -18.16 13.50
N LEU A 52 0.17 -17.73 13.95
CA LEU A 52 -0.37 -16.45 13.55
C LEU A 52 0.52 -15.30 13.98
N ILE A 53 1.03 -15.37 15.21
CA ILE A 53 1.92 -14.38 15.78
C ILE A 53 3.28 -14.36 15.07
N ARG A 54 3.79 -15.56 14.77
N ARG A 54 3.81 -15.55 14.77
CA ARG A 54 5.06 -15.75 14.08
CA ARG A 54 5.09 -15.70 14.07
C ARG A 54 5.02 -15.12 12.67
C ARG A 54 5.04 -15.12 12.65
N LEU A 55 3.99 -15.47 11.90
CA LEU A 55 3.81 -14.95 10.53
C LEU A 55 3.76 -13.42 10.52
N SER A 56 2.94 -12.86 11.40
CA SER A 56 2.81 -11.41 11.50
C SER A 56 4.13 -10.77 11.80
N LEU A 57 4.85 -11.30 12.81
CA LEU A 57 6.14 -10.75 13.21
C LEU A 57 7.24 -10.91 12.16
N ASP A 58 7.17 -11.97 11.34
CA ASP A 58 8.07 -12.12 10.19
C ASP A 58 7.64 -11.34 8.94
N GLY A 59 6.54 -10.60 9.03
CA GLY A 59 6.15 -9.67 7.97
C GLY A 59 5.35 -10.26 6.82
N VAL A 60 4.77 -11.44 7.02
CA VAL A 60 3.91 -12.08 6.03
C VAL A 60 2.56 -11.36 6.05
N LYS A 61 2.06 -10.99 4.88
CA LYS A 61 0.81 -10.23 4.81
C LYS A 61 -0.36 -11.13 4.51
N GLU A 62 -0.11 -12.07 3.61
CA GLU A 62 -1.11 -13.01 3.16
C GLU A 62 -0.52 -14.41 3.24
N THR A 63 -1.34 -15.37 3.59
CA THR A 63 -0.91 -16.75 3.57
C THR A 63 -2.10 -17.67 3.37
N THR A 64 -1.81 -18.95 3.17
CA THR A 64 -2.81 -19.99 2.95
C THR A 64 -3.23 -20.62 4.27
N LEU A 65 -4.54 -20.69 4.48
CA LEU A 65 -5.10 -21.40 5.61
C LEU A 65 -5.71 -22.69 5.12
N PHE A 66 -5.34 -23.80 5.75
CA PHE A 66 -5.82 -25.12 5.34
C PHE A 66 -6.85 -25.63 6.32
N LEU A 67 -8.03 -25.93 5.81
N LEU A 67 -8.05 -25.92 5.85
CA LEU A 67 -9.16 -26.39 6.60
CA LEU A 67 -9.10 -26.38 6.75
C LEU A 67 -9.56 -27.78 6.20
C LEU A 67 -9.85 -27.59 6.19
N GLU A 68 -10.28 -28.44 7.10
CA GLU A 68 -11.02 -29.63 6.76
C GLU A 68 -12.48 -29.24 6.85
N ARG A 69 -13.22 -29.58 5.81
CA ARG A 69 -14.67 -29.39 5.77
C ARG A 69 -15.25 -30.58 5.01
N ASN A 70 -16.21 -31.26 5.63
CA ASN A 70 -16.77 -32.50 5.09
C ASN A 70 -15.70 -33.40 4.47
N GLY A 71 -14.62 -33.63 5.22
CA GLY A 71 -13.55 -34.52 4.80
C GLY A 71 -12.74 -34.12 3.57
N GLU A 72 -12.83 -32.85 3.16
CA GLU A 72 -11.96 -32.35 2.09
C GLU A 72 -11.12 -31.24 2.67
N VAL A 73 -9.92 -31.05 2.10
CA VAL A 73 -9.09 -29.91 2.43
C VAL A 73 -9.52 -28.68 1.61
N LEU A 74 -9.78 -27.58 2.29
CA LEU A 74 -10.07 -26.29 1.66
C LEU A 74 -8.88 -25.36 1.89
N HIS A 75 -8.52 -24.61 0.85
CA HIS A 75 -7.38 -23.70 0.88
C HIS A 75 -7.88 -22.29 0.71
N LEU A 76 -7.73 -21.48 1.75
CA LEU A 76 -8.20 -20.09 1.68
C LEU A 76 -7.04 -19.16 1.95
N THR A 77 -6.94 -18.12 1.14
CA THR A 77 -5.98 -17.05 1.40
C THR A 77 -6.55 -16.07 2.43
N ILE A 78 -5.79 -15.84 3.50
CA ILE A 78 -6.19 -14.88 4.51
C ILE A 78 -5.13 -13.80 4.69
N LYS A 79 -5.59 -12.61 5.00
CA LYS A 79 -4.76 -11.53 5.52
C LYS A 79 -4.21 -12.05 6.85
N VAL A 80 -2.92 -11.87 7.11
CA VAL A 80 -2.38 -12.24 8.41
C VAL A 80 -2.76 -11.13 9.39
N PRO A 81 -3.47 -11.47 10.48
CA PRO A 81 -3.88 -10.45 11.46
C PRO A 81 -2.68 -9.65 11.98
N ASN A 82 -2.88 -8.34 12.15
CA ASN A 82 -1.82 -7.47 12.65
C ASN A 82 -1.72 -7.57 14.18
N VAL A 83 -0.70 -8.28 14.65
CA VAL A 83 -0.55 -8.52 16.09
C VAL A 83 -0.21 -7.24 16.83
N GLN A 84 0.43 -6.30 16.13
CA GLN A 84 0.74 -4.99 16.69
C GLN A 84 -0.52 -4.19 17.07
N LYS A 85 -1.64 -4.47 16.41
CA LYS A 85 -2.93 -3.85 16.73
C LYS A 85 -3.79 -4.76 17.60
N GLY A 86 -3.26 -5.94 17.95
CA GLY A 86 -4.00 -6.95 18.70
C GLY A 86 -5.03 -7.71 17.86
N GLU A 87 -4.99 -7.51 16.55
CA GLU A 87 -5.98 -8.10 15.63
C GLU A 87 -5.86 -9.62 15.60
N GLU A 88 -7.00 -10.32 15.59
CA GLU A 88 -7.00 -11.79 15.59
C GLU A 88 -7.79 -12.34 14.42
N LEU A 89 -7.77 -13.65 14.28
CA LEU A 89 -8.46 -14.32 13.19
C LEU A 89 -10.00 -14.28 13.31
N GLY A 90 -10.50 -14.43 14.54
CA GLY A 90 -11.94 -14.29 14.81
C GLY A 90 -12.69 -15.61 14.96
N ILE A 91 -11.97 -16.66 15.30
CA ILE A 91 -12.60 -17.95 15.57
C ILE A 91 -12.39 -18.32 17.05
N ALA A 92 -13.27 -19.16 17.56
CA ALA A 92 -13.17 -19.61 18.94
C ALA A 92 -13.70 -21.03 19.02
N PRO A 93 -13.28 -21.79 20.04
CA PRO A 93 -13.86 -23.12 20.23
C PRO A 93 -15.29 -23.03 20.76
N LEU A 94 -16.08 -24.07 20.55
CA LEU A 94 -17.45 -24.10 21.04
C LEU A 94 -17.50 -24.12 22.57
N VAL A 95 -18.26 -23.19 23.12
CA VAL A 95 -18.67 -23.27 24.51
C VAL A 95 -20.17 -23.14 24.48
N LYS A 96 -20.85 -24.25 24.73
CA LYS A 96 -22.30 -24.27 24.81
C LYS A 96 -22.78 -23.38 25.96
N PRO A 97 -23.87 -22.62 25.73
CA PRO A 97 -24.44 -21.74 26.75
C PRO A 97 -25.05 -22.47 27.95
N VAL A 98 -24.36 -23.49 28.44
CA VAL A 98 -24.83 -24.27 29.57
C VAL A 98 -24.21 -23.70 30.82
N VAL A 99 -25.05 -23.45 31.82
CA VAL A 99 -24.59 -22.93 33.11
C VAL A 99 -23.85 -24.04 33.86
N GLY A 100 -22.64 -23.73 34.30
CA GLY A 100 -21.86 -24.63 35.15
C GLY A 100 -21.80 -24.15 36.59
N GLY A 101 -21.87 -22.84 36.78
CA GLY A 101 -21.85 -22.25 38.12
C GLY A 101 -22.68 -20.98 38.19
N VAL A 102 -23.21 -20.69 39.38
CA VAL A 102 -23.95 -19.47 39.66
C VAL A 102 -23.41 -18.84 40.94
N LYS A 103 -22.83 -17.65 40.81
CA LYS A 103 -22.35 -16.89 41.96
C LYS A 103 -23.51 -16.54 42.93
N LYS A 104 -23.32 -16.85 44.21
CA LYS A 104 -24.30 -16.58 45.24
C LYS A 104 -24.53 -15.08 45.38
N GLY A 105 -25.79 -14.68 45.52
CA GLY A 105 -26.13 -13.26 45.65
C GLY A 105 -26.31 -12.54 44.33
N SER A 106 -25.79 -13.12 43.25
CA SER A 106 -25.79 -12.46 41.93
C SER A 106 -27.21 -12.33 41.36
N PRO A 107 -27.41 -11.42 40.38
CA PRO A 107 -28.69 -11.28 39.69
C PRO A 107 -29.25 -12.61 39.19
N ALA A 108 -28.39 -13.50 38.70
CA ALA A 108 -28.85 -14.79 38.20
C ALA A 108 -29.29 -15.69 39.35
N ASP A 109 -28.56 -15.64 40.45
CA ASP A 109 -28.91 -16.38 41.64
C ASP A 109 -30.28 -15.95 42.18
N GLN A 110 -30.54 -14.64 42.14
CA GLN A 110 -31.78 -14.05 42.67
C GLN A 110 -33.02 -14.47 41.92
N VAL A 111 -32.90 -14.67 40.60
CA VAL A 111 -34.05 -15.08 39.80
C VAL A 111 -34.16 -16.59 39.65
N GLY A 112 -33.29 -17.32 40.33
CA GLY A 112 -33.39 -18.79 40.39
C GLY A 112 -32.77 -19.56 39.24
N ILE A 113 -31.75 -18.99 38.59
CA ILE A 113 -30.99 -19.72 37.58
C ILE A 113 -30.07 -20.74 38.29
N LYS A 114 -30.02 -21.95 37.77
CA LYS A 114 -29.31 -23.06 38.42
C LYS A 114 -28.27 -23.70 37.51
N PRO A 115 -27.21 -24.31 38.08
CA PRO A 115 -26.27 -25.04 37.23
C PRO A 115 -26.98 -26.12 36.42
N GLY A 116 -26.66 -26.23 35.14
CA GLY A 116 -27.29 -27.20 34.26
C GLY A 116 -28.31 -26.60 33.33
N ASP A 117 -28.62 -25.32 33.51
CA ASP A 117 -29.57 -24.60 32.65
C ASP A 117 -28.97 -24.35 31.29
N LEU A 118 -29.78 -24.43 30.26
CA LEU A 118 -29.35 -24.07 28.92
C LEU A 118 -30.03 -22.77 28.50
N ILE A 119 -29.23 -21.73 28.30
CA ILE A 119 -29.73 -20.45 27.82
C ILE A 119 -29.95 -20.53 26.31
N LEU A 120 -31.20 -20.36 25.88
CA LEU A 120 -31.56 -20.56 24.48
C LEU A 120 -31.58 -19.26 23.73
N GLU A 121 -31.89 -18.19 24.46
CA GLU A 121 -32.32 -16.96 23.87
C GLU A 121 -32.10 -15.80 24.85
N VAL A 122 -31.57 -14.69 24.35
CA VAL A 122 -31.40 -13.49 25.15
C VAL A 122 -32.10 -12.35 24.44
N ASN A 123 -33.08 -11.74 25.11
CA ASN A 123 -33.89 -10.67 24.53
C ASN A 123 -34.52 -11.01 23.19
N GLY A 124 -35.03 -12.22 23.05
CA GLY A 124 -35.68 -12.68 21.82
C GLY A 124 -34.70 -12.97 20.69
N LYS A 125 -33.42 -13.10 21.04
CA LYS A 125 -32.34 -13.38 20.11
C LYS A 125 -31.76 -14.74 20.48
N LYS A 126 -31.90 -15.71 19.60
CA LYS A 126 -31.35 -17.06 19.82
C LYS A 126 -29.84 -17.00 19.90
N ILE A 127 -29.27 -17.76 20.83
CA ILE A 127 -27.82 -17.84 20.95
C ILE A 127 -27.38 -19.28 20.92
N ASN A 128 -26.19 -19.53 20.38
CA ASN A 128 -25.66 -20.87 20.24
C ASN A 128 -24.43 -21.07 21.08
N THR A 129 -23.87 -19.98 21.59
CA THR A 129 -22.60 -20.03 22.29
C THR A 129 -22.59 -19.10 23.50
N TRP A 130 -21.64 -19.32 24.39
CA TRP A 130 -21.47 -18.50 25.58
C TRP A 130 -21.00 -17.12 25.22
N TYR A 131 -20.19 -17.01 24.16
CA TYR A 131 -19.70 -15.70 23.66
C TYR A 131 -20.85 -14.77 23.33
N GLU A 132 -21.92 -15.33 22.77
CA GLU A 132 -23.10 -14.55 22.42
C GLU A 132 -23.85 -14.05 23.66
N LEU A 133 -24.03 -14.93 24.64
CA LEU A 133 -24.55 -14.52 25.93
C LEU A 133 -23.72 -13.35 26.47
N VAL A 134 -22.40 -13.51 26.51
CA VAL A 134 -21.51 -12.46 27.02
C VAL A 134 -21.73 -11.15 26.27
N GLU A 135 -21.72 -11.24 24.93
CA GLU A 135 -21.98 -10.10 24.05
C GLU A 135 -23.28 -9.36 24.42
N GLU A 136 -24.37 -10.09 24.57
CA GLU A 136 -25.67 -9.50 24.93
C GLU A 136 -25.69 -8.86 26.32
N VAL A 137 -24.97 -9.46 27.27
CA VAL A 137 -24.83 -8.87 28.61
C VAL A 137 -24.01 -7.59 28.55
N ARG A 138 -22.91 -7.62 27.81
CA ARG A 138 -22.08 -6.43 27.62
C ARG A 138 -22.91 -5.30 26.99
N LYS A 139 -23.84 -5.64 26.11
CA LYS A 139 -24.62 -4.63 25.39
C LYS A 139 -25.92 -4.21 26.11
N SER A 140 -26.19 -4.79 27.28
CA SER A 140 -27.46 -4.57 28.00
C SER A 140 -27.69 -3.16 28.51
N GLN A 141 -26.62 -2.39 28.68
CA GLN A 141 -26.69 -1.05 29.27
C GLN A 141 -27.23 -1.02 30.71
N GLY A 142 -27.14 -2.15 31.42
CA GLY A 142 -27.57 -2.21 32.83
C GLY A 142 -29.08 -2.23 32.95
N LYS A 143 -29.76 -2.44 31.83
CA LYS A 143 -31.20 -2.62 31.79
C LYS A 143 -31.51 -4.11 31.83
N ALA A 144 -32.68 -4.45 32.34
CA ALA A 144 -33.11 -5.84 32.43
C ALA A 144 -33.00 -6.57 31.08
N ILE A 145 -32.64 -7.85 31.14
CA ILE A 145 -32.61 -8.70 29.97
C ILE A 145 -33.48 -9.91 30.20
N LYS A 146 -34.13 -10.38 29.15
CA LYS A 146 -34.91 -11.60 29.25
C LYS A 146 -34.12 -12.79 28.73
N LEU A 147 -34.23 -13.91 29.44
CA LEU A 147 -33.60 -15.15 29.03
C LEU A 147 -34.66 -16.24 28.92
N LYS A 148 -34.63 -16.99 27.81
CA LYS A 148 -35.33 -18.27 27.72
C LYS A 148 -34.38 -19.35 28.15
N ILE A 149 -34.82 -20.21 29.06
CA ILE A 149 -33.98 -21.24 29.59
C ILE A 149 -34.58 -22.62 29.40
N LEU A 150 -33.74 -23.59 29.12
CA LEU A 150 -34.17 -24.97 29.10
C LEU A 150 -33.64 -25.68 30.34
N ARG A 151 -34.56 -26.24 31.13
CA ARG A 151 -34.23 -27.04 32.30
C ARG A 151 -34.97 -28.36 32.20
N ASN A 152 -34.22 -29.43 31.95
CA ASN A 152 -34.78 -30.78 31.81
C ASN A 152 -35.86 -30.82 30.72
N GLY A 153 -35.60 -30.17 29.60
CA GLY A 153 -36.54 -30.13 28.47
C GLY A 153 -37.65 -29.11 28.59
N LYS A 154 -37.82 -28.53 29.78
CA LYS A 154 -38.87 -27.54 30.02
C LYS A 154 -38.40 -26.11 29.75
N MET A 155 -39.25 -25.34 29.10
CA MET A 155 -38.96 -23.96 28.74
C MET A 155 -39.37 -23.04 29.89
N ILE A 156 -38.41 -22.25 30.37
CA ILE A 156 -38.65 -21.30 31.46
C ILE A 156 -38.18 -19.91 31.06
N GLU A 157 -38.96 -18.90 31.42
CA GLU A 157 -38.58 -17.51 31.19
C GLU A 157 -38.10 -16.81 32.46
N LYS A 158 -37.01 -16.06 32.31
CA LYS A 158 -36.37 -15.35 33.42
C LYS A 158 -36.05 -13.94 32.96
N GLU A 159 -36.05 -13.00 33.91
CA GLU A 159 -35.72 -11.63 33.60
C GLU A 159 -34.88 -11.05 34.73
N LEU A 160 -33.73 -10.48 34.38
CA LEU A 160 -32.75 -10.07 35.37
C LEU A 160 -31.99 -8.81 34.94
N ILE A 161 -31.47 -8.09 35.93
CA ILE A 161 -30.76 -6.83 35.68
C ILE A 161 -29.27 -7.03 35.94
N PRO A 162 -28.43 -6.84 34.91
CA PRO A 162 -26.98 -6.92 35.04
C PRO A 162 -26.38 -5.82 35.91
N ALA A 163 -25.45 -6.22 36.78
CA ALA A 163 -24.73 -5.30 37.63
C ALA A 163 -23.38 -5.03 37.01
N LYS A 164 -22.93 -3.78 37.06
CA LYS A 164 -21.59 -3.45 36.62
C LYS A 164 -20.58 -3.96 37.66
N ASP A 165 -19.62 -4.76 37.20
CA ASP A 165 -18.67 -5.40 38.11
C ASP A 165 -17.27 -4.79 37.96
N PRO A 166 -16.74 -4.22 39.06
CA PRO A 166 -15.47 -3.49 39.04
C PRO A 166 -14.29 -4.38 38.69
N LYS A 167 -14.37 -5.68 39.01
CA LYS A 167 -13.31 -6.63 38.64
C LYS A 167 -13.22 -6.81 37.11
N THR A 168 -14.37 -6.94 36.47
CA THR A 168 -14.41 -7.22 35.02
C THR A 168 -14.52 -5.95 34.15
N GLY A 169 -14.92 -4.84 34.75
CA GLY A 169 -15.03 -3.56 34.05
C GLY A 169 -16.28 -3.45 33.21
N THR A 170 -17.18 -4.41 33.37
CA THR A 170 -18.36 -4.52 32.52
C THR A 170 -19.53 -5.20 33.27
N TYR A 171 -20.67 -5.25 32.63
CA TYR A 171 -21.87 -5.87 33.20
C TYR A 171 -21.70 -7.36 33.45
N PHE A 172 -22.29 -7.82 34.55
CA PHE A 172 -22.12 -9.16 35.05
C PHE A 172 -23.48 -9.66 35.55
N ILE A 173 -23.84 -10.88 35.19
CA ILE A 173 -25.10 -11.47 35.70
C ILE A 173 -24.90 -12.63 36.68
N GLY A 174 -23.70 -13.18 36.72
CA GLY A 174 -23.35 -14.17 37.74
C GLY A 174 -23.32 -15.61 37.26
N LEU A 175 -23.05 -15.78 35.97
CA LEU A 175 -23.06 -17.10 35.39
C LEU A 175 -21.68 -17.48 34.89
N PHE A 176 -21.34 -18.75 35.10
CA PHE A 176 -20.09 -19.32 34.63
C PHE A 176 -20.43 -20.52 33.78
N PRO A 177 -19.75 -20.66 32.64
CA PRO A 177 -20.07 -21.76 31.73
C PRO A 177 -19.58 -23.10 32.28
N LYS A 178 -20.17 -24.20 31.80
CA LYS A 178 -19.65 -25.53 32.08
C LYS A 178 -18.44 -25.78 31.18
N THR A 179 -17.39 -26.40 31.75
CA THR A 179 -16.22 -26.82 30.96
C THR A 179 -16.37 -28.25 30.41
N GLU B 1 -11.81 1.99 16.08
CA GLU B 1 -10.65 1.75 16.99
C GLU B 1 -10.75 2.55 18.29
N VAL B 2 -10.25 1.96 19.36
CA VAL B 2 -10.36 2.54 20.68
C VAL B 2 -9.18 3.46 21.00
N GLN B 3 -9.49 4.65 21.50
CA GLN B 3 -8.49 5.60 21.94
C GLN B 3 -8.90 6.31 23.20
N LEU B 4 -7.92 6.59 24.05
CA LEU B 4 -8.09 7.46 25.18
C LEU B 4 -7.13 8.62 24.96
N GLN B 5 -7.66 9.82 24.89
CA GLN B 5 -6.87 10.98 24.51
C GLN B 5 -6.86 11.95 25.66
N GLN B 6 -5.66 12.22 26.18
CA GLN B 6 -5.49 13.01 27.37
C GLN B 6 -5.06 14.43 27.01
N SER B 7 -5.45 15.38 27.86
CA SER B 7 -5.08 16.78 27.71
C SER B 7 -3.58 17.01 27.89
N GLY B 8 -3.10 18.19 27.50
CA GLY B 8 -1.67 18.51 27.48
C GLY B 8 -1.05 18.71 28.85
N ALA B 9 0.28 18.79 28.87
CA ALA B 9 1.07 18.98 30.09
C ALA B 9 0.68 20.25 30.83
N GLU B 10 0.83 20.23 32.15
CA GLU B 10 0.41 21.34 32.99
C GLU B 10 1.51 21.75 33.96
N LEU B 11 1.78 23.06 33.97
CA LEU B 11 2.59 23.68 35.01
C LEU B 11 1.65 24.38 35.98
N VAL B 12 1.72 23.97 37.24
CA VAL B 12 0.88 24.57 38.27
C VAL B 12 1.70 24.91 39.51
N LYS B 13 1.26 25.92 40.24
CA LYS B 13 1.94 26.40 41.42
C LYS B 13 1.43 25.68 42.66
N PRO B 14 2.31 25.49 43.68
CA PRO B 14 1.92 24.78 44.90
C PRO B 14 0.70 25.40 45.58
N GLY B 15 -0.09 24.58 46.27
CA GLY B 15 -1.31 25.05 46.93
C GLY B 15 -2.55 25.03 46.06
N ALA B 16 -2.36 25.22 44.75
CA ALA B 16 -3.46 25.32 43.81
C ALA B 16 -4.07 23.96 43.38
N SER B 17 -4.82 24.00 42.29
CA SER B 17 -5.49 22.84 41.74
C SER B 17 -5.31 22.78 40.22
N VAL B 18 -5.47 21.58 39.67
CA VAL B 18 -5.48 21.38 38.21
C VAL B 18 -6.52 20.34 37.82
N LYS B 19 -7.08 20.48 36.63
CA LYS B 19 -8.03 19.51 36.13
C LYS B 19 -7.56 18.91 34.82
N LEU B 20 -7.38 17.58 34.84
CA LEU B 20 -6.92 16.86 33.66
C LEU B 20 -8.08 16.15 33.03
N SER B 21 -8.02 15.96 31.72
CA SER B 21 -9.11 15.30 31.03
C SER B 21 -8.68 14.09 30.21
N CYS B 22 -9.63 13.19 29.99
CA CYS B 22 -9.42 11.98 29.20
C CYS B 22 -10.67 11.75 28.36
N THR B 23 -10.51 11.77 27.04
CA THR B 23 -11.63 11.61 26.12
C THR B 23 -11.53 10.26 25.42
N ALA B 24 -12.61 9.48 25.47
CA ALA B 24 -12.65 8.11 24.93
C ALA B 24 -13.34 7.99 23.57
N SER B 25 -12.77 7.16 22.69
CA SER B 25 -13.29 6.89 21.35
C SER B 25 -13.43 5.40 21.12
N GLY B 26 -14.46 5.01 20.38
CA GLY B 26 -14.65 3.60 20.01
C GLY B 26 -15.35 2.78 21.07
N PHE B 27 -15.75 3.43 22.16
CA PHE B 27 -16.55 2.79 23.20
C PHE B 27 -17.24 3.84 24.06
N ASN B 28 -18.32 3.45 24.74
CA ASN B 28 -19.03 4.37 25.65
C ASN B 28 -18.54 4.17 27.06
N ILE B 29 -17.98 5.22 27.65
CA ILE B 29 -17.53 5.12 29.03
C ILE B 29 -18.68 4.68 29.97
N LYS B 30 -19.90 5.08 29.62
CA LYS B 30 -21.12 4.76 30.38
C LYS B 30 -21.28 3.25 30.61
N ASP B 31 -20.71 2.44 29.72
CA ASP B 31 -20.81 1.00 29.86
C ASP B 31 -19.69 0.36 30.70
N THR B 32 -18.77 1.18 31.21
CA THR B 32 -17.61 0.65 31.92
C THR B 32 -17.09 1.63 32.98
N TYR B 33 -15.80 1.57 33.27
CA TYR B 33 -15.18 2.47 34.23
C TYR B 33 -13.96 3.09 33.59
N LEU B 34 -13.62 4.31 34.02
CA LEU B 34 -12.33 4.87 33.72
C LEU B 34 -11.53 5.00 35.01
N HIS B 35 -10.25 4.71 34.91
CA HIS B 35 -9.32 4.67 36.02
C HIS B 35 -8.25 5.73 35.84
N TRP B 36 -7.66 6.17 36.94
CA TRP B 36 -6.52 7.09 36.91
C TRP B 36 -5.38 6.52 37.68
N VAL B 37 -4.19 6.59 37.10
CA VAL B 37 -2.98 6.03 37.68
C VAL B 37 -1.93 7.12 37.71
N LYS B 38 -1.17 7.17 38.80
CA LYS B 38 -0.11 8.14 38.99
C LYS B 38 1.26 7.48 38.85
N GLN B 39 2.18 8.17 38.16
CA GLN B 39 3.57 7.74 38.08
C GLN B 39 4.56 8.91 38.25
N ARG B 40 5.19 8.99 39.41
CA ARG B 40 6.20 10.02 39.67
C ARG B 40 7.51 9.72 38.94
N PRO B 41 8.30 10.75 38.59
CA PRO B 41 9.62 10.50 37.99
C PRO B 41 10.42 9.55 38.86
N GLU B 42 11.05 8.56 38.23
CA GLU B 42 11.86 7.50 38.90
C GLU B 42 11.06 6.58 39.82
N HIS B 43 9.74 6.66 39.76
CA HIS B 43 8.90 5.83 40.62
C HIS B 43 8.03 4.91 39.81
N GLY B 44 7.30 4.04 40.52
CA GLY B 44 6.43 3.07 39.88
C GLY B 44 5.04 3.63 39.70
N LEU B 45 4.09 2.72 39.52
CA LEU B 45 2.69 3.08 39.28
C LEU B 45 1.88 3.03 40.57
N GLU B 46 1.01 4.03 40.74
CA GLU B 46 0.07 4.09 41.86
C GLU B 46 -1.33 4.35 41.33
N TRP B 47 -2.24 3.45 41.69
CA TRP B 47 -3.65 3.59 41.36
C TRP B 47 -4.24 4.71 42.19
N ILE B 48 -4.86 5.67 41.51
CA ILE B 48 -5.58 6.76 42.19
C ILE B 48 -7.04 6.40 42.47
N GLY B 49 -7.76 6.00 41.43
CA GLY B 49 -9.17 5.68 41.58
C GLY B 49 -9.86 5.38 40.26
N ARG B 50 -11.12 4.97 40.34
CA ARG B 50 -11.95 4.75 39.16
C ARG B 50 -13.27 5.50 39.31
N ILE B 51 -13.97 5.72 38.19
CA ILE B 51 -15.33 6.21 38.23
C ILE B 51 -16.23 5.37 37.34
N ASP B 52 -17.47 5.20 37.79
CA ASP B 52 -18.53 4.65 36.97
C ASP B 52 -19.25 5.86 36.37
N PRO B 53 -19.09 6.11 35.05
CA PRO B 53 -19.74 7.27 34.42
C PRO B 53 -21.27 7.18 34.38
N ALA B 54 -21.81 5.99 34.56
CA ALA B 54 -23.27 5.85 34.54
C ALA B 54 -23.93 6.47 35.79
N ASN B 55 -23.25 6.42 36.94
CA ASN B 55 -23.85 6.95 38.16
C ASN B 55 -22.96 7.92 38.93
N GLY B 56 -21.89 8.39 38.30
CA GLY B 56 -20.92 9.27 38.98
C GLY B 56 -20.25 8.69 40.22
N ASN B 57 -20.44 7.41 40.50
CA ASN B 57 -19.79 6.81 41.66
C ASN B 57 -18.29 6.59 41.45
N ALA B 58 -17.50 7.35 42.20
CA ALA B 58 -16.06 7.27 42.12
C ALA B 58 -15.50 6.66 43.39
N LYS B 59 -14.54 5.75 43.22
CA LYS B 59 -13.83 5.14 44.35
C LYS B 59 -12.33 5.38 44.26
N TYR B 60 -11.72 5.68 45.40
CA TYR B 60 -10.31 6.06 45.45
C TYR B 60 -9.52 5.10 46.32
N ASP B 61 -8.20 5.22 46.24
CA ASP B 61 -7.34 4.69 47.25
C ASP B 61 -7.42 5.71 48.39
N PRO B 62 -7.78 5.26 49.62
CA PRO B 62 -7.92 6.13 50.79
C PRO B 62 -6.85 7.23 50.89
N LYS B 63 -5.65 6.95 50.41
CA LYS B 63 -4.55 7.90 50.40
C LYS B 63 -4.78 9.09 49.45
N PHE B 64 -5.63 8.89 48.45
CA PHE B 64 -5.96 9.92 47.47
C PHE B 64 -7.38 10.47 47.66
N GLN B 65 -8.17 9.78 48.49
CA GLN B 65 -9.61 10.06 48.71
C GLN B 65 -9.95 11.54 48.78
N ASP B 66 -9.03 12.35 49.30
CA ASP B 66 -9.26 13.77 49.46
C ASP B 66 -8.38 14.70 48.61
N LYS B 67 -7.29 14.18 48.03
CA LYS B 67 -6.46 15.04 47.18
C LYS B 67 -6.81 14.91 45.69
N ALA B 68 -7.54 13.86 45.34
CA ALA B 68 -7.98 13.65 43.97
C ALA B 68 -9.49 13.61 43.92
N THR B 69 -10.05 14.21 42.87
CA THR B 69 -11.49 14.14 42.62
C THR B 69 -11.74 13.76 41.16
N ILE B 70 -12.43 12.63 40.99
CA ILE B 70 -12.70 12.08 39.67
C ILE B 70 -14.17 12.23 39.28
N THR B 71 -14.38 12.84 38.12
CA THR B 71 -15.68 13.09 37.55
C THR B 71 -15.71 12.58 36.13
N ALA B 72 -16.90 12.48 35.56
CA ALA B 72 -17.06 12.03 34.17
C ALA B 72 -18.27 12.70 33.52
N ASP B 73 -18.24 12.78 32.19
CA ASP B 73 -19.31 13.38 31.39
C ASP B 73 -19.61 12.41 30.25
N THR B 74 -20.79 11.79 30.27
CA THR B 74 -21.12 10.74 29.30
C THR B 74 -21.44 11.29 27.92
N SER B 75 -22.06 12.47 27.89
CA SER B 75 -22.43 13.12 26.62
C SER B 75 -21.21 13.46 25.77
N SER B 76 -20.11 13.87 26.41
CA SER B 76 -18.86 14.09 25.71
C SER B 76 -17.84 12.98 25.92
N ASN B 77 -18.27 11.81 26.45
CA ASN B 77 -17.40 10.62 26.60
C ASN B 77 -16.04 10.90 27.31
N THR B 78 -16.08 11.69 28.38
CA THR B 78 -14.87 12.25 28.96
C THR B 78 -14.84 12.11 30.49
N ALA B 79 -13.67 11.77 31.01
CA ALA B 79 -13.42 11.65 32.43
C ALA B 79 -12.41 12.69 32.83
N TYR B 80 -12.50 13.18 34.06
CA TYR B 80 -11.61 14.23 34.54
C TYR B 80 -10.93 13.81 35.82
N LEU B 81 -9.72 14.32 36.05
CA LEU B 81 -9.03 14.12 37.31
C LEU B 81 -8.66 15.47 37.87
N GLN B 82 -9.21 15.80 39.02
CA GLN B 82 -8.86 17.05 39.68
C GLN B 82 -7.98 16.78 40.87
N LEU B 83 -6.81 17.41 40.85
CA LEU B 83 -5.89 17.35 41.98
C LEU B 83 -5.96 18.71 42.68
N ASN B 84 -6.17 18.68 43.99
CA ASN B 84 -6.26 19.90 44.79
C ASN B 84 -5.18 19.95 45.86
N SER B 85 -4.83 21.19 46.26
CA SER B 85 -3.84 21.42 47.31
C SER B 85 -2.51 20.77 46.91
N LEU B 86 -1.94 21.24 45.80
CA LEU B 86 -0.77 20.60 45.19
C LEU B 86 0.52 20.79 45.99
N THR B 87 1.22 19.67 46.22
CA THR B 87 2.59 19.67 46.76
C THR B 87 3.55 19.15 45.68
N SER B 88 4.83 19.00 46.02
CA SER B 88 5.82 18.45 45.09
C SER B 88 5.68 16.94 44.87
N GLU B 89 5.03 16.25 45.80
CA GLU B 89 4.72 14.82 45.63
C GLU B 89 3.63 14.59 44.59
N ASP B 90 3.00 15.68 44.15
CA ASP B 90 1.92 15.61 43.17
C ASP B 90 2.46 15.74 41.74
N THR B 91 3.71 16.17 41.63
CA THR B 91 4.43 16.22 40.36
C THR B 91 4.65 14.80 39.83
N ALA B 92 4.09 14.54 38.64
CA ALA B 92 4.03 13.18 38.08
C ALA B 92 3.42 13.16 36.68
N VAL B 93 3.49 12.00 36.02
CA VAL B 93 2.68 11.72 34.84
C VAL B 93 1.39 11.02 35.27
N TYR B 94 0.27 11.49 34.75
CA TYR B 94 -1.03 10.96 35.12
C TYR B 94 -1.67 10.26 33.93
N TYR B 95 -2.13 9.03 34.15
CA TYR B 95 -2.64 8.17 33.09
C TYR B 95 -4.10 7.88 33.33
N CYS B 96 -4.90 8.00 32.28
N CYS B 96 -4.87 7.95 32.25
CA CYS B 96 -6.24 7.46 32.33
CA CYS B 96 -6.24 7.49 32.27
C CYS B 96 -6.20 6.11 31.64
C CYS B 96 -6.22 6.13 31.59
N SER B 97 -7.13 5.24 32.00
CA SER B 97 -7.14 3.87 31.50
C SER B 97 -8.50 3.21 31.66
N ASN B 98 -8.72 2.21 30.81
CA ASN B 98 -9.88 1.34 30.87
C ASN B 98 -9.45 -0.12 30.72
N ARG B 99 -10.04 -0.99 31.52
CA ARG B 99 -9.84 -2.41 31.31
C ARG B 99 -11.16 -3.13 31.42
N GLN B 100 -11.33 -4.14 30.55
CA GLN B 100 -12.48 -5.01 30.58
C GLN B 100 -11.99 -6.41 30.36
N LEU B 101 -12.58 -7.38 31.09
CA LEU B 101 -12.06 -8.75 31.09
C LEU B 101 -13.14 -9.82 31.04
N GLY B 102 -12.96 -10.84 30.18
CA GLY B 102 -13.77 -12.04 30.21
C GLY B 102 -13.16 -13.07 31.16
N LEU B 103 -14.02 -13.86 31.80
CA LEU B 103 -13.56 -14.78 32.84
C LEU B 103 -13.38 -16.21 32.31
N ARG B 104 -13.07 -17.15 33.21
CA ARG B 104 -12.93 -18.57 32.86
C ARG B 104 -14.10 -19.08 32.01
N GLY B 105 -13.78 -19.59 30.83
CA GLY B 105 -14.78 -20.05 29.85
C GLY B 105 -14.94 -19.15 28.64
N TYR B 106 -14.52 -17.88 28.78
CA TYR B 106 -14.67 -16.88 27.73
C TYR B 106 -13.65 -15.76 27.91
N TYR B 107 -12.38 -16.13 28.07
CA TYR B 107 -11.31 -15.18 28.32
C TYR B 107 -11.14 -14.17 27.22
N TYR B 108 -11.11 -12.89 27.60
CA TYR B 108 -10.73 -11.83 26.70
C TYR B 108 -10.16 -10.68 27.53
N ALA B 109 -9.40 -9.79 26.91
CA ALA B 109 -8.95 -8.58 27.57
C ALA B 109 -9.10 -7.38 26.68
N MET B 110 -9.72 -6.32 27.22
CA MET B 110 -9.66 -5.00 26.56
C MET B 110 -8.96 -4.09 27.53
N ASP B 111 -7.85 -3.51 27.09
CA ASP B 111 -6.98 -2.76 27.94
C ASP B 111 -6.44 -1.60 27.14
N TYR B 112 -6.74 -0.39 27.60
CA TYR B 112 -6.40 0.82 26.88
C TYR B 112 -5.91 1.88 27.84
N TRP B 113 -4.89 2.62 27.42
CA TRP B 113 -4.33 3.71 28.22
C TRP B 113 -4.22 4.94 27.39
N GLY B 114 -4.46 6.10 28.00
CA GLY B 114 -4.02 7.35 27.42
C GLY B 114 -2.50 7.47 27.41
N GLN B 115 -1.99 8.48 26.71
CA GLN B 115 -0.56 8.69 26.57
C GLN B 115 0.05 9.28 27.83
N GLY B 116 -0.78 9.69 28.78
CA GLY B 116 -0.30 10.32 30.00
C GLY B 116 -0.21 11.84 29.91
N THR B 117 -0.42 12.50 31.04
CA THR B 117 -0.33 13.96 31.13
C THR B 117 0.69 14.31 32.20
N SER B 118 1.72 15.05 31.83
CA SER B 118 2.71 15.52 32.80
C SER B 118 2.24 16.73 33.62
N VAL B 119 2.36 16.62 34.93
CA VAL B 119 2.01 17.71 35.85
C VAL B 119 3.22 18.07 36.69
N SER B 120 3.72 19.29 36.51
CA SER B 120 4.81 19.85 37.31
C SER B 120 4.29 20.86 38.33
N VAL B 121 4.60 20.63 39.61
CA VAL B 121 4.19 21.53 40.68
C VAL B 121 5.37 22.41 41.06
N SER B 122 5.29 23.70 40.74
CA SER B 122 6.42 24.62 40.91
C SER B 122 6.03 26.08 41.15
N SER B 123 6.87 26.78 41.93
CA SER B 123 6.81 28.23 42.09
C SER B 123 7.31 28.93 40.83
N ALA B 124 8.35 28.36 40.21
CA ALA B 124 9.05 28.99 39.10
C ALA B 124 8.16 29.34 37.91
N LYS B 125 8.49 30.45 37.25
CA LYS B 125 7.82 30.88 36.03
C LYS B 125 8.22 30.00 34.84
N THR B 126 7.47 30.15 33.75
CA THR B 126 7.73 29.39 32.53
C THR B 126 8.74 30.09 31.67
N THR B 127 9.77 29.35 31.28
CA THR B 127 10.71 29.85 30.29
C THR B 127 10.74 28.94 29.06
N PRO B 128 10.60 29.53 27.86
CA PRO B 128 10.59 28.76 26.62
C PRO B 128 11.96 28.21 26.29
N PRO B 129 12.04 27.20 25.40
CA PRO B 129 13.37 26.71 25.05
C PRO B 129 13.98 27.50 23.90
N SER B 130 15.32 27.50 23.83
CA SER B 130 16.03 27.91 22.63
C SER B 130 16.33 26.66 21.83
N VAL B 131 16.20 26.75 20.50
CA VAL B 131 16.38 25.59 19.63
C VAL B 131 17.47 25.83 18.59
N TYR B 132 18.61 25.17 18.78
CA TYR B 132 19.75 25.33 17.88
C TYR B 132 20.00 24.07 17.06
N PRO B 133 20.40 24.24 15.79
CA PRO B 133 20.70 23.07 14.94
C PRO B 133 22.12 22.58 15.09
N LEU B 134 22.33 21.27 14.91
CA LEU B 134 23.67 20.68 14.89
C LEU B 134 23.98 20.11 13.51
N ALA B 135 25.05 20.61 12.90
CA ALA B 135 25.53 20.17 11.59
C ALA B 135 27.03 19.86 11.65
N PRO B 136 27.52 18.91 10.82
CA PRO B 136 28.95 18.58 10.81
C PRO B 136 29.87 19.77 10.54
N GLY B 137 31.04 19.78 11.17
CA GLY B 137 32.03 20.83 10.97
C GLY B 137 33.39 20.30 10.59
N SER B 144 29.02 7.27 4.38
CA SER B 144 27.72 7.14 3.71
C SER B 144 26.52 7.46 4.63
N MET B 145 26.75 7.41 5.94
CA MET B 145 25.75 7.83 6.92
C MET B 145 26.15 9.15 7.57
N VAL B 146 25.21 10.09 7.61
CA VAL B 146 25.48 11.38 8.26
C VAL B 146 24.61 11.58 9.51
N THR B 147 25.25 12.02 10.58
CA THR B 147 24.57 12.27 11.85
C THR B 147 24.32 13.77 11.99
N LEU B 148 23.08 14.12 12.31
CA LEU B 148 22.68 15.51 12.49
C LEU B 148 21.94 15.63 13.81
N GLY B 149 21.98 16.81 14.41
CA GLY B 149 21.39 17.01 15.72
C GLY B 149 20.51 18.23 15.89
N CYS B 150 20.00 18.38 17.10
CA CYS B 150 19.09 19.46 17.45
C CYS B 150 19.19 19.68 18.94
N LEU B 151 19.71 20.84 19.34
CA LEU B 151 19.85 21.18 20.75
C LEU B 151 18.67 22.01 21.25
N VAL B 152 18.13 21.60 22.39
CA VAL B 152 16.99 22.25 23.03
C VAL B 152 17.42 22.74 24.41
N LYS B 153 17.64 24.04 24.52
CA LYS B 153 18.36 24.59 25.66
C LYS B 153 17.56 25.56 26.50
N GLY B 154 17.67 25.39 27.82
CA GLY B 154 17.22 26.37 28.81
C GLY B 154 15.73 26.57 28.94
N TYR B 155 14.98 25.48 29.16
CA TYR B 155 13.54 25.57 29.33
C TYR B 155 13.07 25.16 30.73
N PHE B 156 11.85 25.57 31.08
CA PHE B 156 11.18 25.13 32.28
C PHE B 156 9.68 25.31 32.10
N PRO B 157 8.90 24.26 32.42
CA PRO B 157 9.38 22.99 32.92
C PRO B 157 9.42 21.91 31.83
N GLU B 158 9.61 20.67 32.25
CA GLU B 158 9.39 19.51 31.41
C GLU B 158 7.88 19.34 31.22
N PRO B 159 7.46 18.72 30.10
CA PRO B 159 8.31 18.17 29.05
C PRO B 159 8.38 19.01 27.77
N VAL B 160 9.12 18.47 26.81
CA VAL B 160 9.27 19.02 25.46
C VAL B 160 9.17 17.82 24.53
N THR B 161 8.59 18.02 23.35
CA THR B 161 8.55 16.95 22.35
C THR B 161 9.43 17.32 21.16
N VAL B 162 10.30 16.39 20.75
CA VAL B 162 11.10 16.55 19.54
C VAL B 162 10.73 15.51 18.48
N THR B 163 10.45 15.98 17.26
CA THR B 163 10.22 15.10 16.13
C THR B 163 11.09 15.54 14.95
N TRP B 164 11.29 14.64 14.00
CA TRP B 164 12.07 14.95 12.82
C TRP B 164 11.23 14.82 11.57
N ASN B 165 11.31 15.83 10.71
CA ASN B 165 10.46 15.91 9.51
C ASN B 165 9.00 15.56 9.81
N SER B 166 8.44 16.21 10.84
CA SER B 166 7.02 16.07 11.25
C SER B 166 6.60 14.65 11.66
N GLY B 167 7.57 13.76 11.86
CA GLY B 167 7.32 12.36 12.21
C GLY B 167 7.78 11.38 11.16
N SER B 168 8.20 11.89 10.00
CA SER B 168 8.68 11.06 8.88
C SER B 168 9.99 10.37 9.20
N LEU B 169 10.59 10.75 10.34
CA LEU B 169 11.78 10.08 10.85
C LEU B 169 11.61 9.73 12.33
N SER B 170 11.31 8.46 12.56
CA SER B 170 11.31 7.90 13.91
C SER B 170 12.47 6.91 14.04
N SER B 171 13.01 6.51 12.89
CA SER B 171 14.11 5.55 12.82
C SER B 171 15.47 6.26 12.74
N GLY B 172 16.43 5.76 13.51
CA GLY B 172 17.77 6.37 13.58
C GLY B 172 17.78 7.65 14.38
N VAL B 173 16.82 7.77 15.29
CA VAL B 173 16.62 8.96 16.10
C VAL B 173 16.91 8.66 17.57
N HIS B 174 17.82 9.42 18.16
CA HIS B 174 18.06 9.34 19.59
C HIS B 174 17.75 10.67 20.20
N THR B 175 16.74 10.68 21.07
CA THR B 175 16.42 11.86 21.87
C THR B 175 16.80 11.59 23.30
N PHE B 176 17.78 12.35 23.78
CA PHE B 176 18.38 12.13 25.09
C PHE B 176 17.58 12.76 26.22
N PRO B 177 17.56 12.12 27.40
CA PRO B 177 16.87 12.68 28.56
C PRO B 177 17.41 14.06 28.91
N ALA B 178 16.51 14.98 29.28
CA ALA B 178 16.92 16.32 29.65
C ALA B 178 17.84 16.35 30.88
N VAL B 179 18.68 17.37 30.97
CA VAL B 179 19.48 17.59 32.17
C VAL B 179 19.14 18.96 32.79
N LEU B 180 19.17 19.01 34.12
CA LEU B 180 18.80 20.21 34.87
C LEU B 180 20.04 21.02 35.29
N GLN B 181 20.30 22.12 34.60
CA GLN B 181 21.39 23.02 34.97
C GLN B 181 20.83 24.38 35.41
N SER B 182 21.06 24.69 36.69
CA SER B 182 20.62 25.93 37.32
C SER B 182 19.19 26.36 36.94
N ASP B 183 18.21 25.53 37.32
CA ASP B 183 16.78 25.79 37.13
C ASP B 183 16.34 25.91 35.66
N LEU B 184 17.07 25.25 34.77
CA LEU B 184 16.69 25.16 33.36
C LEU B 184 16.97 23.75 32.83
N TYR B 185 16.29 23.37 31.75
CA TYR B 185 16.48 22.04 31.17
C TYR B 185 17.12 22.09 29.79
N THR B 186 18.04 21.16 29.56
CA THR B 186 18.68 21.01 28.26
C THR B 186 18.70 19.55 27.84
N LEU B 187 18.21 19.28 26.63
CA LEU B 187 18.40 17.99 25.98
C LEU B 187 18.77 18.22 24.53
N SER B 188 19.16 17.15 23.84
CA SER B 188 19.38 17.20 22.41
C SER B 188 18.89 15.90 21.74
N SER B 189 18.82 15.94 20.42
CA SER B 189 18.37 14.81 19.65
C SER B 189 19.24 14.63 18.43
N SER B 190 19.55 13.38 18.09
CA SER B 190 20.37 13.07 16.93
C SER B 190 19.61 12.22 15.93
N VAL B 191 19.79 12.53 14.66
CA VAL B 191 19.19 11.78 13.58
C VAL B 191 20.31 11.31 12.65
N THR B 192 20.26 10.05 12.26
CA THR B 192 21.23 9.54 11.30
C THR B 192 20.47 9.10 10.06
N VAL B 193 20.83 9.72 8.95
CA VAL B 193 20.18 9.48 7.66
C VAL B 193 21.25 9.12 6.64
N PRO B 194 20.84 8.48 5.53
CA PRO B 194 21.80 8.24 4.45
C PRO B 194 22.29 9.56 3.87
N SER B 195 23.60 9.71 3.71
CA SER B 195 24.19 10.99 3.30
C SER B 195 23.83 11.40 1.86
N SER B 196 22.96 10.62 1.22
CA SER B 196 22.39 10.99 -0.06
C SER B 196 21.18 11.89 0.15
N THR B 197 20.45 11.65 1.24
CA THR B 197 19.27 12.45 1.60
C THR B 197 19.67 13.82 2.16
N TRP B 198 20.91 13.95 2.62
CA TRP B 198 21.37 15.18 3.24
C TRP B 198 22.78 15.54 2.83
N PRO B 199 22.99 16.79 2.38
CA PRO B 199 21.99 17.85 2.29
C PRO B 199 21.39 17.99 0.89
N SER B 200 20.67 16.96 0.45
CA SER B 200 19.89 17.04 -0.78
C SER B 200 18.46 17.42 -0.44
N GLU B 201 17.97 16.82 0.64
CA GLU B 201 16.58 16.98 1.07
C GLU B 201 16.50 17.61 2.45
N THR B 202 15.29 18.05 2.81
CA THR B 202 15.03 18.70 4.09
C THR B 202 15.16 17.74 5.29
N VAL B 203 15.92 18.18 6.29
CA VAL B 203 15.92 17.55 7.61
C VAL B 203 15.62 18.66 8.63
N THR B 204 14.49 18.51 9.33
CA THR B 204 13.99 19.55 10.23
C THR B 204 13.56 18.95 11.56
N CYS B 205 14.03 19.53 12.66
CA CYS B 205 13.56 19.13 14.00
C CYS B 205 12.41 20.01 14.48
N ASN B 206 11.39 19.36 15.02
CA ASN B 206 10.19 20.04 15.46
C ASN B 206 10.10 19.96 16.97
N VAL B 207 10.12 21.11 17.62
CA VAL B 207 10.15 21.18 19.07
C VAL B 207 8.86 21.83 19.57
N ALA B 208 8.22 21.18 20.55
CA ALA B 208 7.04 21.76 21.19
C ALA B 208 7.18 21.74 22.70
N HIS B 209 6.86 22.87 23.31
CA HIS B 209 6.96 23.05 24.76
C HIS B 209 5.64 23.58 25.28
N PRO B 210 4.79 22.68 25.80
CA PRO B 210 3.44 23.01 26.28
C PRO B 210 3.35 24.29 27.12
N ALA B 211 4.02 24.31 28.27
CA ALA B 211 3.85 25.37 29.27
C ALA B 211 4.12 26.81 28.78
N SER B 212 4.98 26.96 27.78
CA SER B 212 5.26 28.28 27.20
C SER B 212 4.62 28.43 25.82
N SER B 213 3.80 27.45 25.45
CA SER B 213 3.09 27.45 24.16
C SER B 213 4.03 27.78 22.99
N THR B 214 5.06 26.97 22.84
CA THR B 214 6.06 27.15 21.79
C THR B 214 6.03 25.97 20.84
N LYS B 215 6.16 26.26 19.54
CA LYS B 215 6.10 25.22 18.51
C LYS B 215 7.05 25.58 17.36
N VAL B 216 8.33 25.69 17.69
CA VAL B 216 9.37 26.08 16.72
C VAL B 216 9.81 24.92 15.83
N ASP B 217 10.11 25.23 14.57
CA ASP B 217 10.79 24.31 13.66
C ASP B 217 12.17 24.85 13.35
N LYS B 218 13.15 23.95 13.25
CA LYS B 218 14.51 24.33 12.90
C LYS B 218 15.11 23.35 11.90
N LYS B 219 15.33 23.82 10.68
CA LYS B 219 15.91 22.99 9.64
C LYS B 219 17.42 23.01 9.70
N ILE B 220 18.05 21.88 9.39
CA ILE B 220 19.49 21.72 9.50
C ILE B 220 20.17 22.05 8.17
N VAL B 221 21.08 23.02 8.19
CA VAL B 221 21.80 23.49 6.99
C VAL B 221 23.32 23.31 7.18
N PRO B 222 24.03 22.84 6.13
CA PRO B 222 25.47 22.55 6.18
C PRO B 222 26.33 23.51 7.01
N TYR C 1 -5.12 -3.12 52.78
CA TYR C 1 -4.99 -3.28 51.32
C TYR C 1 -3.98 -4.37 50.97
N ILE C 2 -4.07 -4.89 49.74
CA ILE C 2 -3.17 -5.96 49.31
C ILE C 2 -1.84 -5.38 48.84
N VAL C 3 -0.79 -5.68 49.62
CA VAL C 3 0.60 -5.32 49.26
C VAL C 3 1.13 -6.34 48.25
N LEU C 4 1.77 -5.86 47.19
CA LEU C 4 2.35 -6.74 46.18
C LEU C 4 3.83 -6.52 46.17
N THR C 5 4.59 -7.54 46.50
CA THR C 5 6.03 -7.37 46.54
C THR C 5 6.61 -8.12 45.37
N GLN C 6 7.37 -7.38 44.57
CA GLN C 6 7.84 -7.88 43.30
C GLN C 6 9.33 -8.16 43.40
N SER C 7 9.78 -9.27 42.84
CA SER C 7 11.19 -9.65 42.90
C SER C 7 11.63 -10.31 41.59
N PRO C 8 12.89 -10.05 41.16
CA PRO C 8 13.89 -9.13 41.70
C PRO C 8 13.56 -7.68 41.36
N VAL C 9 14.32 -6.71 41.88
CA VAL C 9 14.07 -5.31 41.52
C VAL C 9 14.67 -4.99 40.16
N SER C 10 15.75 -5.69 39.83
CA SER C 10 16.42 -5.49 38.56
C SER C 10 17.14 -6.76 38.19
N LEU C 11 17.31 -6.98 36.88
CA LEU C 11 18.04 -8.12 36.39
C LEU C 11 18.52 -7.87 34.96
N ALA C 12 19.59 -8.57 34.59
CA ALA C 12 20.15 -8.50 33.27
C ALA C 12 20.14 -9.90 32.69
N VAL C 13 19.44 -10.06 31.56
CA VAL C 13 19.29 -11.34 30.87
C VAL C 13 19.84 -11.26 29.44
N SER C 14 20.62 -12.29 29.07
CA SER C 14 21.15 -12.40 27.71
C SER C 14 20.09 -12.72 26.69
N LEU C 15 20.14 -12.02 25.56
CA LEU C 15 19.30 -12.37 24.41
C LEU C 15 19.30 -13.88 24.25
N GLY C 16 18.10 -14.45 24.15
CA GLY C 16 17.93 -15.89 23.98
C GLY C 16 17.53 -16.63 25.24
N GLN C 17 17.71 -16.00 26.41
CA GLN C 17 17.60 -16.71 27.69
C GLN C 17 16.37 -16.37 28.55
N ARG C 18 16.29 -16.99 29.72
CA ARG C 18 15.08 -16.94 30.54
C ARG C 18 15.11 -15.80 31.54
N ALA C 19 13.98 -15.10 31.60
CA ALA C 19 13.73 -14.14 32.67
C ALA C 19 12.57 -14.63 33.52
N THR C 20 12.75 -14.53 34.83
CA THR C 20 11.73 -14.90 35.83
C THR C 20 11.50 -13.70 36.76
N ILE C 21 10.25 -13.24 36.86
CA ILE C 21 9.86 -12.17 37.78
C ILE C 21 8.74 -12.68 38.68
N SER C 22 8.86 -12.47 39.99
CA SER C 22 7.85 -12.99 40.91
C SER C 22 7.05 -11.85 41.55
N CYS C 23 5.80 -12.12 41.87
CA CYS C 23 4.98 -11.19 42.60
C CYS C 23 4.37 -11.90 43.81
N ARG C 24 4.58 -11.34 45.01
CA ARG C 24 3.95 -11.85 46.23
C ARG C 24 2.85 -10.91 46.68
N ALA C 25 1.67 -11.46 46.96
CA ALA C 25 0.56 -10.69 47.49
C ALA C 25 0.40 -10.92 49.01
N SER C 26 0.13 -9.85 49.75
CA SER C 26 -0.08 -9.91 51.22
C SER C 26 -1.32 -10.69 51.64
N GLU C 27 -2.29 -10.79 50.73
CA GLU C 27 -3.49 -11.59 50.92
C GLU C 27 -3.77 -12.24 49.58
N SER C 28 -4.56 -13.31 49.59
CA SER C 28 -4.98 -13.98 48.37
C SER C 28 -5.67 -12.99 47.39
N VAL C 29 -5.67 -13.34 46.10
CA VAL C 29 -6.33 -12.52 45.08
C VAL C 29 -7.23 -13.36 44.17
N ASP C 30 -7.54 -14.57 44.62
CA ASP C 30 -8.44 -15.46 43.91
C ASP C 30 -9.92 -15.19 44.25
N SER C 31 -10.80 -15.49 43.28
CA SER C 31 -12.27 -15.46 43.45
C SER C 31 -12.91 -16.30 42.36
N TYR C 32 -13.74 -17.26 42.77
CA TYR C 32 -14.48 -18.13 41.83
C TYR C 32 -13.64 -18.78 40.73
N GLY C 33 -12.44 -19.23 41.11
CA GLY C 33 -11.56 -19.97 40.21
C GLY C 33 -10.85 -19.10 39.17
N ASP C 34 -10.47 -17.90 39.59
CA ASP C 34 -9.59 -17.00 38.82
C ASP C 34 -8.78 -16.19 39.81
N SER C 35 -7.59 -15.77 39.40
CA SER C 35 -6.74 -14.93 40.23
C SER C 35 -6.78 -13.56 39.62
N PHE C 36 -7.11 -12.57 40.42
CA PHE C 36 -7.20 -11.22 39.90
C PHE C 36 -5.87 -10.50 40.02
N MET C 37 -4.94 -10.96 39.19
N MET C 37 -4.92 -10.95 39.20
CA MET C 37 -3.55 -10.54 39.16
CA MET C 37 -3.59 -10.39 39.18
C MET C 37 -3.10 -10.43 37.70
C MET C 37 -3.11 -10.42 37.73
N HIS C 38 -2.42 -9.35 37.33
CA HIS C 38 -2.07 -9.12 35.93
C HIS C 38 -0.70 -8.54 35.79
N TRP C 39 -0.10 -8.73 34.62
CA TRP C 39 1.26 -8.28 34.37
C TRP C 39 1.32 -7.26 33.28
N TYR C 40 2.02 -6.16 33.55
CA TYR C 40 2.22 -5.09 32.59
C TYR C 40 3.69 -4.91 32.21
N GLN C 41 3.92 -4.44 30.98
CA GLN C 41 5.23 -4.04 30.53
C GLN C 41 5.21 -2.54 30.29
N GLN C 42 6.17 -1.82 30.86
CA GLN C 42 6.26 -0.40 30.60
C GLN C 42 7.60 0.02 30.03
N LYS C 43 7.57 0.42 28.76
CA LYS C 43 8.76 0.93 28.08
C LYS C 43 8.95 2.40 28.45
N PRO C 44 10.18 2.90 28.31
CA PRO C 44 10.48 4.29 28.68
C PRO C 44 9.60 5.30 27.96
N GLY C 45 9.02 6.23 28.71
CA GLY C 45 8.17 7.28 28.15
C GLY C 45 6.84 6.82 27.54
N GLN C 46 6.48 5.55 27.75
CA GLN C 46 5.24 4.98 27.23
C GLN C 46 4.31 4.56 28.38
N PRO C 47 2.99 4.46 28.09
CA PRO C 47 2.06 3.91 29.06
C PRO C 47 2.26 2.41 29.25
N PRO C 48 1.88 1.87 30.42
CA PRO C 48 1.93 0.43 30.59
C PRO C 48 1.15 -0.28 29.50
N LYS C 49 1.52 -1.54 29.26
CA LYS C 49 0.88 -2.35 28.25
C LYS C 49 0.60 -3.71 28.88
N LEU C 50 -0.62 -4.19 28.75
CA LEU C 50 -0.97 -5.48 29.34
C LEU C 50 -0.30 -6.65 28.60
N LEU C 51 0.24 -7.61 29.37
CA LEU C 51 0.82 -8.82 28.77
C LEU C 51 0.03 -10.07 29.13
N ILE C 52 -0.21 -10.23 30.43
CA ILE C 52 -0.90 -11.39 30.97
C ILE C 52 -2.00 -10.84 31.87
N TYR C 53 -3.17 -11.46 31.83
CA TYR C 53 -4.29 -11.06 32.67
C TYR C 53 -4.90 -12.29 33.31
N LEU C 54 -5.45 -12.13 34.51
CA LEU C 54 -5.98 -13.24 35.31
C LEU C 54 -4.94 -14.37 35.45
N ALA C 55 -3.77 -13.97 35.94
CA ALA C 55 -2.61 -14.84 36.22
C ALA C 55 -1.93 -15.45 35.00
N SER C 56 -2.70 -15.94 34.02
CA SER C 56 -2.14 -16.85 33.00
C SER C 56 -2.57 -16.66 31.52
N ASN C 57 -3.40 -15.67 31.25
CA ASN C 57 -3.96 -15.54 29.91
C ASN C 57 -3.23 -14.51 29.09
N LEU C 58 -2.81 -14.90 27.90
CA LEU C 58 -2.11 -13.98 27.00
C LEU C 58 -3.06 -12.93 26.41
N GLU C 59 -2.67 -11.66 26.49
CA GLU C 59 -3.34 -10.59 25.77
C GLU C 59 -3.10 -10.80 24.27
N SER C 60 -4.05 -10.32 23.46
CA SER C 60 -4.03 -10.48 22.01
C SER C 60 -2.71 -10.02 21.48
N GLY C 61 -2.06 -10.89 20.69
CA GLY C 61 -0.82 -10.51 20.04
C GLY C 61 0.45 -10.73 20.86
N VAL C 62 0.31 -10.89 22.17
CA VAL C 62 1.48 -11.16 23.03
C VAL C 62 2.02 -12.57 22.76
N PRO C 63 3.32 -12.66 22.41
CA PRO C 63 3.98 -13.94 22.09
C PRO C 63 3.99 -14.92 23.24
N ALA C 64 3.94 -16.22 22.91
CA ALA C 64 3.88 -17.32 23.88
C ALA C 64 5.13 -17.40 24.76
N ARG C 65 6.21 -16.79 24.31
CA ARG C 65 7.42 -16.71 25.11
C ARG C 65 7.15 -15.98 26.44
N PHE C 66 6.04 -15.23 26.51
CA PHE C 66 5.52 -14.73 27.78
C PHE C 66 4.57 -15.77 28.38
N SER C 67 4.77 -16.10 29.66
CA SER C 67 3.79 -16.89 30.39
C SER C 67 3.64 -16.46 31.86
N GLY C 68 2.48 -16.73 32.41
CA GLY C 68 2.20 -16.38 33.80
C GLY C 68 1.70 -17.63 34.50
N SER C 69 2.13 -17.81 35.75
CA SER C 69 1.66 -18.94 36.53
C SER C 69 1.48 -18.51 37.98
N GLY C 70 0.81 -19.35 38.74
CA GLY C 70 0.55 -19.06 40.13
C GLY C 70 -0.93 -18.97 40.44
N SER C 71 -1.22 -18.83 41.72
CA SER C 71 -2.56 -18.66 42.23
C SER C 71 -2.37 -18.11 43.62
N ARG C 72 -3.43 -17.58 44.20
CA ARG C 72 -3.45 -17.21 45.61
C ARG C 72 -2.57 -16.01 45.96
N THR C 73 -1.32 -16.27 46.36
CA THR C 73 -0.43 -15.23 46.87
C THR C 73 0.92 -15.21 46.16
N ASP C 74 1.12 -16.18 45.28
CA ASP C 74 2.45 -16.41 44.72
C ASP C 74 2.33 -16.52 43.21
N PHE C 75 2.92 -15.57 42.49
CA PHE C 75 2.79 -15.50 41.02
C PHE C 75 4.11 -15.25 40.33
N THR C 76 4.28 -15.83 39.14
CA THR C 76 5.49 -15.68 38.37
C THR C 76 5.23 -15.31 36.90
N LEU C 77 5.97 -14.32 36.41
CA LEU C 77 5.99 -14.03 34.98
C LEU C 77 7.26 -14.63 34.41
N THR C 78 7.15 -15.44 33.37
CA THR C 78 8.33 -15.99 32.70
C THR C 78 8.48 -15.40 31.30
N ILE C 79 9.69 -14.97 30.97
CA ILE C 79 10.00 -14.52 29.62
C ILE C 79 11.12 -15.40 29.06
N ASP C 80 10.76 -16.30 28.14
CA ASP C 80 11.71 -17.28 27.59
C ASP C 80 11.35 -17.69 26.16
N PRO C 81 12.16 -17.31 25.16
CA PRO C 81 13.39 -16.51 25.23
C PRO C 81 13.13 -15.02 25.34
N VAL C 82 14.10 -14.31 25.91
N VAL C 82 14.12 -14.31 25.89
CA VAL C 82 14.02 -12.85 25.98
CA VAL C 82 14.09 -12.86 25.99
C VAL C 82 14.55 -12.30 24.67
C VAL C 82 14.62 -12.23 24.70
N GLU C 83 13.94 -11.19 24.21
CA GLU C 83 14.35 -10.51 22.99
C GLU C 83 14.58 -9.03 23.21
N ALA C 84 15.13 -8.35 22.20
CA ALA C 84 15.50 -6.93 22.32
C ALA C 84 14.35 -6.05 22.81
N ASP C 85 13.14 -6.36 22.36
CA ASP C 85 11.94 -5.57 22.64
C ASP C 85 11.52 -5.66 24.13
N ASP C 86 12.07 -6.63 24.84
CA ASP C 86 11.69 -6.84 26.23
C ASP C 86 12.38 -5.89 27.22
N ALA C 87 13.30 -5.07 26.73
CA ALA C 87 13.93 -4.07 27.58
C ALA C 87 12.87 -3.09 28.09
N ALA C 88 12.63 -3.17 29.40
CA ALA C 88 11.49 -2.48 30.02
C ALA C 88 11.42 -2.74 31.52
N THR C 89 10.45 -2.07 32.15
CA THR C 89 10.07 -2.32 33.54
C THR C 89 8.73 -3.06 33.55
N TYR C 90 8.65 -4.10 34.38
CA TYR C 90 7.47 -4.97 34.47
C TYR C 90 6.78 -4.79 35.84
N TYR C 91 5.45 -4.83 35.84
CA TYR C 91 4.66 -4.65 37.05
C TYR C 91 3.58 -5.71 37.16
N CYS C 92 3.41 -6.26 38.35
CA CYS C 92 2.21 -7.01 38.63
C CYS C 92 1.19 -6.00 39.15
N GLN C 93 -0.08 -6.36 39.04
CA GLN C 93 -1.19 -5.53 39.43
C GLN C 93 -2.32 -6.45 39.88
N GLN C 94 -2.97 -6.12 41.00
CA GLN C 94 -4.09 -6.93 41.48
C GLN C 94 -5.36 -6.09 41.59
N ASN C 95 -6.50 -6.70 41.31
CA ASN C 95 -7.76 -5.98 41.48
C ASN C 95 -8.84 -6.85 42.10
N ASN C 96 -8.42 -7.80 42.93
CA ASN C 96 -9.36 -8.65 43.66
C ASN C 96 -10.12 -7.85 44.70
N GLU C 97 -9.51 -6.76 45.13
CA GLU C 97 -9.92 -6.06 46.31
C GLU C 97 -9.54 -4.59 46.12
N ASP C 98 -10.42 -3.70 46.55
CA ASP C 98 -10.12 -2.27 46.54
C ASP C 98 -9.24 -1.94 47.75
N PRO C 99 -8.24 -1.06 47.56
CA PRO C 99 -7.90 -0.42 46.29
C PRO C 99 -7.02 -1.30 45.41
N TRP C 100 -7.04 -1.03 44.10
CA TRP C 100 -6.17 -1.71 43.14
C TRP C 100 -4.74 -1.36 43.46
N THR C 101 -3.86 -2.36 43.42
CA THR C 101 -2.43 -2.11 43.70
C THR C 101 -1.43 -2.62 42.67
N PHE C 102 -0.30 -1.93 42.56
CA PHE C 102 0.80 -2.34 41.71
C PHE C 102 1.96 -2.84 42.56
N GLY C 103 2.71 -3.80 42.01
CA GLY C 103 4.01 -4.14 42.57
C GLY C 103 4.98 -3.01 42.29
N GLY C 104 6.15 -3.11 42.89
CA GLY C 104 7.14 -2.02 42.86
C GLY C 104 7.87 -1.92 41.53
N GLY C 105 7.72 -2.92 40.67
CA GLY C 105 8.39 -2.91 39.38
C GLY C 105 9.67 -3.71 39.33
N THR C 106 9.96 -4.26 38.15
CA THR C 106 11.19 -4.98 37.91
C THR C 106 11.77 -4.48 36.60
N LYS C 107 13.00 -3.99 36.66
CA LYS C 107 13.65 -3.39 35.51
C LYS C 107 14.50 -4.48 34.83
N LEU C 108 14.14 -4.83 33.60
CA LEU C 108 14.88 -5.85 32.85
C LEU C 108 15.88 -5.25 31.88
N GLU C 109 17.16 -5.54 32.10
CA GLU C 109 18.19 -5.20 31.13
C GLU C 109 18.46 -6.39 30.22
N ILE C 110 18.71 -6.08 28.95
CA ILE C 110 19.01 -7.10 27.95
C ILE C 110 20.53 -7.14 27.73
N LYS C 111 21.14 -8.30 27.97
CA LYS C 111 22.57 -8.48 27.72
C LYS C 111 22.78 -8.89 26.25
N ARG C 112 23.54 -8.07 25.53
CA ARG C 112 23.88 -8.35 24.12
C ARG C 112 25.41 -8.33 23.97
N ALA C 113 25.90 -8.53 22.76
CA ALA C 113 27.34 -8.54 22.52
C ALA C 113 27.88 -7.11 22.62
N ASP C 114 29.11 -6.96 23.12
CA ASP C 114 29.76 -5.66 23.20
C ASP C 114 29.80 -4.96 21.84
N ALA C 115 29.53 -3.66 21.84
CA ALA C 115 29.51 -2.87 20.62
C ALA C 115 30.09 -1.50 20.93
N ALA C 116 31.01 -1.06 20.08
CA ALA C 116 31.75 0.19 20.30
C ALA C 116 30.92 1.38 19.83
N PRO C 117 31.10 2.56 20.47
CA PRO C 117 30.25 3.70 20.11
C PRO C 117 30.61 4.30 18.76
N THR C 118 29.63 4.92 18.10
CA THR C 118 29.88 5.77 16.94
C THR C 118 29.89 7.21 17.45
N VAL C 119 31.04 7.87 17.34
CA VAL C 119 31.19 9.21 17.89
C VAL C 119 30.99 10.29 16.82
N SER C 120 30.25 11.33 17.19
CA SER C 120 30.12 12.52 16.35
C SER C 120 30.27 13.78 17.21
N ILE C 121 31.07 14.73 16.72
CA ILE C 121 31.24 16.02 17.37
C ILE C 121 30.59 17.13 16.53
N PHE C 122 29.97 18.09 17.21
CA PHE C 122 29.31 19.20 16.54
C PHE C 122 29.70 20.54 17.16
N PRO C 123 30.11 21.49 16.31
CA PRO C 123 30.42 22.86 16.77
C PRO C 123 29.15 23.61 17.16
N PRO C 124 29.30 24.68 17.97
CA PRO C 124 28.15 25.54 18.28
C PRO C 124 27.51 26.16 17.05
N SER C 125 26.18 26.26 17.05
CA SER C 125 25.45 26.90 15.96
C SER C 125 25.70 28.40 15.94
N SER C 126 25.72 28.97 14.74
CA SER C 126 25.73 30.43 14.54
C SER C 126 24.61 31.04 15.38
N GLU C 127 23.42 30.47 15.26
CA GLU C 127 22.25 30.83 16.05
C GLU C 127 22.53 30.94 17.56
N GLN C 128 23.40 30.06 18.09
CA GLN C 128 23.79 30.14 19.49
C GLN C 128 24.86 31.21 19.74
N LEU C 129 25.89 31.23 18.89
CA LEU C 129 26.98 32.20 19.01
C LEU C 129 26.48 33.64 18.94
N THR C 130 25.47 33.86 18.10
CA THR C 130 24.82 35.16 17.96
C THR C 130 24.13 35.54 19.27
N SER C 131 23.42 34.60 19.88
CA SER C 131 22.71 34.87 21.13
C SER C 131 23.62 34.88 22.38
N GLY C 132 24.90 34.53 22.21
CA GLY C 132 25.87 34.67 23.30
C GLY C 132 26.46 33.43 23.95
N GLY C 133 25.86 32.27 23.71
CA GLY C 133 26.36 31.01 24.28
C GLY C 133 27.24 30.19 23.35
N ALA C 134 27.87 29.13 23.89
CA ALA C 134 28.68 28.21 23.09
C ALA C 134 28.67 26.77 23.61
N SER C 135 27.74 25.96 23.10
CA SER C 135 27.65 24.54 23.44
C SER C 135 28.26 23.67 22.36
N VAL C 136 29.24 22.87 22.74
CA VAL C 136 29.85 21.86 21.86
C VAL C 136 29.25 20.50 22.23
N VAL C 137 28.67 19.81 21.24
CA VAL C 137 27.94 18.58 21.50
C VAL C 137 28.63 17.36 20.89
N CYS C 138 28.70 16.29 21.69
CA CYS C 138 29.28 15.02 21.26
C CYS C 138 28.31 13.85 21.46
N PHE C 139 27.98 13.15 20.38
CA PHE C 139 27.09 11.98 20.46
C PHE C 139 27.90 10.70 20.43
N LEU C 140 27.73 9.87 21.46
CA LEU C 140 28.28 8.52 21.45
C LEU C 140 27.08 7.60 21.27
N ASN C 141 26.91 7.07 20.06
CA ASN C 141 25.70 6.35 19.70
C ASN C 141 25.88 4.83 19.59
N ASN C 142 24.83 4.12 19.99
CA ASN C 142 24.69 2.66 19.80
C ASN C 142 25.84 1.79 20.34
N PHE C 143 26.07 1.87 21.64
CA PHE C 143 27.13 1.08 22.25
C PHE C 143 26.59 0.16 23.35
N TYR C 144 27.36 -0.89 23.67
CA TYR C 144 27.05 -1.80 24.76
C TYR C 144 28.33 -2.38 25.38
N PRO C 145 28.44 -2.41 26.73
CA PRO C 145 27.46 -2.07 27.76
C PRO C 145 27.39 -0.58 28.07
N LYS C 146 26.51 -0.23 29.02
CA LYS C 146 26.14 1.16 29.32
C LYS C 146 27.33 2.00 29.77
N ASP C 147 28.27 1.37 30.47
CA ASP C 147 29.40 2.09 31.00
C ASP C 147 30.34 2.61 29.91
N ILE C 148 30.62 3.90 29.98
CA ILE C 148 31.43 4.58 28.98
C ILE C 148 32.05 5.83 29.62
N ASN C 149 33.18 6.26 29.05
N ASN C 149 33.16 6.30 29.06
CA ASN C 149 33.92 7.43 29.52
CA ASN C 149 33.83 7.47 29.59
C ASN C 149 34.03 8.42 28.37
C ASN C 149 34.26 8.44 28.50
N VAL C 150 33.92 9.71 28.69
CA VAL C 150 34.17 10.75 27.69
C VAL C 150 35.17 11.79 28.23
N LYS C 151 36.17 12.12 27.42
CA LYS C 151 37.11 13.17 27.75
C LYS C 151 37.05 14.27 26.69
N TRP C 152 36.96 15.50 27.18
CA TRP C 152 37.07 16.67 26.31
C TRP C 152 38.45 17.22 26.37
N LYS C 153 38.93 17.74 25.24
CA LYS C 153 40.19 18.45 25.19
C LYS C 153 39.98 19.73 24.40
N ILE C 154 40.47 20.83 24.95
CA ILE C 154 40.52 22.11 24.26
C ILE C 154 41.99 22.43 24.03
N ASP C 155 42.40 22.50 22.76
CA ASP C 155 43.80 22.61 22.38
C ASP C 155 44.68 21.65 23.18
N GLY C 156 44.37 20.36 23.09
CA GLY C 156 45.20 19.32 23.69
C GLY C 156 45.12 19.18 25.21
N SER C 157 44.64 20.20 25.89
CA SER C 157 44.53 20.12 27.34
C SER C 157 43.10 19.78 27.77
N GLU C 158 43.01 18.92 28.78
CA GLU C 158 41.76 18.32 29.23
C GLU C 158 40.83 19.32 29.90
N ARG C 159 39.51 19.09 29.78
CA ARG C 159 38.51 19.88 30.50
C ARG C 159 37.31 19.04 30.93
N GLN C 160 36.90 19.21 32.18
CA GLN C 160 35.66 18.60 32.68
C GLN C 160 34.69 19.66 33.21
N ASN C 161 35.17 20.90 33.32
CA ASN C 161 34.34 22.05 33.70
C ASN C 161 33.28 22.38 32.64
N GLY C 162 32.01 22.30 33.04
CA GLY C 162 30.90 22.61 32.14
C GLY C 162 30.47 21.49 31.21
N VAL C 163 30.86 20.25 31.54
CA VAL C 163 30.45 19.07 30.78
C VAL C 163 29.23 18.41 31.43
N LEU C 164 28.20 18.16 30.63
CA LEU C 164 27.04 17.42 31.11
C LEU C 164 26.76 16.21 30.21
N ASN C 165 26.46 15.07 30.86
CA ASN C 165 26.23 13.83 30.12
C ASN C 165 24.82 13.30 30.32
N SER C 166 24.29 12.66 29.29
CA SER C 166 22.96 12.10 29.37
C SER C 166 22.88 10.83 28.53
N TRP C 167 22.46 9.75 29.18
CA TRP C 167 22.29 8.44 28.55
C TRP C 167 20.84 8.20 28.18
N THR C 168 20.61 7.64 27.00
CA THR C 168 19.30 7.12 26.66
C THR C 168 19.03 5.85 27.47
N ASP C 169 17.80 5.34 27.35
CA ASP C 169 17.48 4.02 27.87
C ASP C 169 17.84 3.00 26.79
N GLN C 170 17.84 1.73 27.15
CA GLN C 170 18.22 0.66 26.24
C GLN C 170 17.29 0.58 25.05
N ASP C 171 17.86 0.59 23.85
CA ASP C 171 17.10 0.58 22.60
C ASP C 171 16.33 -0.72 22.39
N SER C 172 15.07 -0.60 22.00
CA SER C 172 14.17 -1.76 21.85
C SER C 172 14.47 -2.67 20.66
N LYS C 173 15.35 -2.24 19.76
CA LYS C 173 15.68 -3.02 18.57
C LYS C 173 17.08 -3.63 18.61
N ASP C 174 18.10 -2.82 18.91
CA ASP C 174 19.47 -3.35 18.96
C ASP C 174 20.09 -3.50 20.35
N SER C 175 19.28 -3.23 21.39
CA SER C 175 19.69 -3.39 22.80
C SER C 175 20.87 -2.49 23.21
N THR C 176 21.11 -1.43 22.45
CA THR C 176 22.27 -0.57 22.74
C THR C 176 21.86 0.65 23.54
N TYR C 177 22.86 1.34 24.07
CA TYR C 177 22.69 2.64 24.70
C TYR C 177 23.30 3.70 23.80
N SER C 178 22.99 4.97 24.09
CA SER C 178 23.63 6.11 23.46
C SER C 178 23.84 7.18 24.53
N MET C 179 24.75 8.11 24.26
CA MET C 179 25.08 9.15 25.22
C MET C 179 25.44 10.44 24.52
N SER C 180 24.84 11.54 25.00
CA SER C 180 25.22 12.87 24.56
C SER C 180 26.10 13.49 25.64
N SER C 181 27.18 14.13 25.21
CA SER C 181 28.04 14.88 26.10
C SER C 181 28.10 16.31 25.60
N THR C 182 27.76 17.26 26.47
CA THR C 182 27.64 18.65 26.07
C THR C 182 28.60 19.50 26.88
N LEU C 183 29.49 20.18 26.18
CA LEU C 183 30.43 21.11 26.79
C LEU C 183 29.88 22.52 26.61
N THR C 184 29.52 23.15 27.71
CA THR C 184 29.05 24.53 27.66
C THR C 184 30.05 25.47 28.29
N LEU C 185 30.41 26.49 27.52
CA LEU C 185 31.29 27.56 27.95
C LEU C 185 30.81 28.86 27.30
N THR C 186 31.28 29.98 27.81
CA THR C 186 30.94 31.27 27.24
C THR C 186 31.44 31.37 25.80
N LYS C 187 30.68 32.09 24.97
CA LYS C 187 31.13 32.46 23.63
C LYS C 187 32.53 33.04 23.68
N ASP C 188 32.80 33.83 24.73
CA ASP C 188 34.09 34.48 24.95
C ASP C 188 35.29 33.54 24.86
N GLU C 189 35.31 32.51 25.70
CA GLU C 189 36.48 31.64 25.76
C GLU C 189 36.51 30.57 24.66
N TYR C 190 35.34 30.25 24.10
CA TYR C 190 35.25 29.40 22.92
C TYR C 190 36.02 30.01 21.74
N GLU C 191 35.86 31.32 21.54
CA GLU C 191 36.53 32.01 20.45
C GLU C 191 38.03 32.26 20.70
N ARG C 192 38.48 31.95 21.91
CA ARG C 192 39.90 32.05 22.30
C ARG C 192 40.67 30.75 22.12
N HIS C 193 40.03 29.76 21.48
CA HIS C 193 40.66 28.47 21.25
C HIS C 193 40.30 27.92 19.90
N ASN C 194 41.06 26.93 19.44
CA ASN C 194 40.91 26.40 18.08
C ASN C 194 40.51 24.92 17.98
N SER C 195 41.25 24.06 18.68
CA SER C 195 41.07 22.62 18.60
C SER C 195 40.09 22.12 19.67
N TYR C 196 39.04 21.46 19.21
CA TYR C 196 38.02 20.91 20.11
C TYR C 196 37.85 19.41 19.93
N THR C 197 38.30 18.66 20.93
CA THR C 197 38.37 17.20 20.86
C THR C 197 37.37 16.52 21.80
N CYS C 198 36.75 15.47 21.28
CA CYS C 198 35.90 14.58 22.04
C CYS C 198 36.43 13.16 21.89
N GLU C 199 36.79 12.53 23.00
CA GLU C 199 37.24 11.14 22.95
C GLU C 199 36.53 10.20 23.93
N ALA C 200 36.10 9.06 23.39
CA ALA C 200 35.32 8.07 24.13
C ALA C 200 36.14 6.84 24.45
N THR C 201 36.13 6.45 25.72
CA THR C 201 36.81 5.24 26.17
C THR C 201 35.77 4.21 26.56
N HIS C 202 35.78 3.08 25.89
CA HIS C 202 34.78 2.05 26.08
C HIS C 202 35.41 0.69 26.12
N LYS C 203 34.87 -0.15 27.02
CA LYS C 203 35.29 -1.54 27.24
C LYS C 203 35.79 -2.27 25.97
N THR C 204 35.17 -1.99 24.82
CA THR C 204 35.53 -2.60 23.54
C THR C 204 36.96 -2.36 23.08
N SER C 205 37.62 -1.35 23.64
CA SER C 205 38.95 -0.95 23.16
C SER C 205 39.79 -0.28 24.25
N THR C 206 41.07 -0.66 24.34
CA THR C 206 42.00 0.00 25.27
C THR C 206 42.32 1.41 24.81
N SER C 207 42.35 1.62 23.49
CA SER C 207 42.58 2.93 22.89
C SER C 207 41.26 3.63 22.57
N PRO C 208 41.19 4.95 22.88
CA PRO C 208 39.97 5.75 22.72
C PRO C 208 39.63 6.12 21.28
N ILE C 209 38.33 6.30 21.01
CA ILE C 209 37.88 6.83 19.73
C ILE C 209 37.84 8.35 19.86
N VAL C 210 38.40 9.04 18.87
CA VAL C 210 38.62 10.48 18.93
C VAL C 210 37.93 11.20 17.78
N LYS C 211 37.24 12.30 18.10
CA LYS C 211 36.63 13.17 17.08
C LYS C 211 36.92 14.63 17.36
N SER C 212 37.22 15.38 16.31
CA SER C 212 37.67 16.77 16.45
C SER C 212 37.15 17.71 15.38
N PHE C 213 37.28 19.00 15.65
CA PHE C 213 37.13 20.06 14.67
C PHE C 213 37.97 21.27 15.08
N ASN C 214 38.44 22.01 14.08
CA ASN C 214 39.12 23.27 14.31
C ASN C 214 38.20 24.44 13.98
N ARG C 215 38.05 25.35 14.94
CA ARG C 215 37.06 26.44 14.88
C ARG C 215 37.21 27.36 13.66
N GLY D 1 -24.13 -5.79 -36.91
CA GLY D 1 -24.66 -6.69 -35.85
C GLY D 1 -23.90 -7.99 -35.73
N SER D 2 -23.14 -8.12 -34.65
CA SER D 2 -22.35 -9.32 -34.37
C SER D 2 -23.20 -10.46 -33.79
N GLU D 3 -22.54 -11.45 -33.21
CA GLU D 3 -23.25 -12.57 -32.58
C GLU D 3 -22.55 -13.04 -31.29
N VAL D 4 -22.84 -12.33 -30.21
CA VAL D 4 -22.32 -12.62 -28.87
C VAL D 4 -22.50 -14.09 -28.42
N PRO D 5 -21.60 -14.59 -27.55
CA PRO D 5 -21.91 -15.88 -26.91
C PRO D 5 -23.16 -15.72 -26.05
N LYS D 6 -23.98 -16.77 -25.99
CA LYS D 6 -25.25 -16.72 -25.26
C LYS D 6 -25.08 -16.59 -23.75
N TYR D 7 -23.96 -17.08 -23.20
CA TYR D 7 -23.74 -17.08 -21.74
C TYR D 7 -23.76 -15.68 -21.10
N LEU D 8 -23.45 -14.64 -21.88
CA LEU D 8 -23.44 -13.25 -21.38
C LEU D 8 -24.77 -12.77 -20.76
N LYS D 9 -25.89 -13.30 -21.27
CA LYS D 9 -27.23 -12.99 -20.75
C LYS D 9 -27.83 -14.07 -19.85
N GLU D 10 -27.04 -15.12 -19.57
N GLU D 10 -27.06 -15.12 -19.59
CA GLU D 10 -27.45 -16.21 -18.71
CA GLU D 10 -27.51 -16.21 -18.72
C GLU D 10 -27.03 -15.96 -17.26
C GLU D 10 -27.01 -16.01 -17.28
N PRO D 11 -27.74 -16.57 -16.28
CA PRO D 11 -27.32 -16.46 -14.86
C PRO D 11 -25.90 -17.00 -14.61
N VAL D 12 -25.25 -16.43 -13.59
CA VAL D 12 -23.82 -16.66 -13.37
C VAL D 12 -23.62 -17.88 -12.50
N VAL D 13 -23.76 -19.06 -13.11
CA VAL D 13 -23.42 -20.31 -12.46
C VAL D 13 -21.98 -20.68 -12.82
N VAL D 14 -21.13 -20.78 -11.80
CA VAL D 14 -19.71 -21.02 -12.01
C VAL D 14 -19.53 -22.44 -12.55
N GLY D 15 -18.93 -22.56 -13.73
CA GLY D 15 -18.58 -23.86 -14.28
C GLY D 15 -17.12 -24.22 -14.09
N TYR D 16 -16.27 -23.20 -13.95
CA TYR D 16 -14.84 -23.40 -13.82
C TYR D 16 -14.18 -22.29 -13.01
N VAL D 17 -13.23 -22.68 -12.15
CA VAL D 17 -12.49 -21.72 -11.34
C VAL D 17 -11.00 -21.78 -11.68
N GLN D 18 -10.45 -20.65 -12.12
CA GLN D 18 -9.05 -20.55 -12.53
C GLN D 18 -8.06 -20.78 -11.38
N ARG D 19 -6.99 -21.50 -11.68
CA ARG D 19 -5.95 -21.82 -10.71
C ARG D 19 -5.26 -20.53 -10.25
N ASP D 20 -5.12 -20.38 -8.94
CA ASP D 20 -4.43 -19.21 -8.37
C ASP D 20 -5.17 -17.87 -8.52
N SER D 21 -6.41 -17.93 -9.00
CA SER D 21 -7.24 -16.73 -9.15
C SER D 21 -7.76 -16.23 -7.80
N ILE D 22 -8.08 -14.94 -7.74
CA ILE D 22 -8.88 -14.38 -6.66
C ILE D 22 -10.03 -15.33 -6.28
N ALA D 23 -10.74 -15.85 -7.28
CA ALA D 23 -11.87 -16.74 -7.00
C ALA D 23 -11.44 -18.03 -6.32
N GLN D 24 -10.33 -18.61 -6.77
CA GLN D 24 -9.83 -19.81 -6.13
C GLN D 24 -9.36 -19.55 -4.71
N LYS D 25 -8.69 -18.42 -4.48
CA LYS D 25 -8.12 -18.09 -3.17
C LYS D 25 -9.17 -17.86 -2.07
N ILE D 26 -10.37 -17.44 -2.43
N ILE D 26 -10.36 -17.45 -2.48
CA ILE D 26 -11.41 -17.30 -1.42
CA ILE D 26 -11.49 -17.21 -1.56
C ILE D 26 -12.37 -18.48 -1.39
C ILE D 26 -12.43 -18.42 -1.49
N GLY D 27 -12.06 -19.50 -2.18
CA GLY D 27 -12.85 -20.75 -2.17
C GLY D 27 -14.18 -20.78 -2.94
N ILE D 28 -14.28 -20.04 -4.04
CA ILE D 28 -15.46 -20.22 -4.91
C ILE D 28 -15.32 -21.56 -5.63
N LYS D 29 -16.44 -22.28 -5.73
CA LYS D 29 -16.49 -23.62 -6.29
C LYS D 29 -17.46 -23.67 -7.47
N PRO D 30 -17.19 -24.58 -8.44
CA PRO D 30 -18.18 -24.92 -9.46
C PRO D 30 -19.54 -25.20 -8.83
N GLY D 31 -20.58 -24.68 -9.45
CA GLY D 31 -21.92 -24.79 -8.88
C GLY D 31 -22.38 -23.53 -8.17
N ASP D 32 -21.44 -22.66 -7.76
CA ASP D 32 -21.81 -21.40 -7.10
C ASP D 32 -22.51 -20.46 -8.07
N LYS D 33 -23.59 -19.83 -7.61
CA LYS D 33 -24.25 -18.79 -8.38
C LYS D 33 -24.00 -17.44 -7.76
N ILE D 34 -23.30 -16.58 -8.49
CA ILE D 34 -23.07 -15.23 -8.04
C ILE D 34 -24.36 -14.45 -8.31
N ILE D 35 -24.84 -13.76 -7.28
CA ILE D 35 -26.09 -13.00 -7.40
C ILE D 35 -25.92 -11.50 -7.17
N LYS D 36 -24.83 -11.09 -6.53
CA LYS D 36 -24.56 -9.68 -6.26
C LYS D 36 -23.08 -9.48 -5.93
N ILE D 37 -22.59 -8.28 -6.23
CA ILE D 37 -21.27 -7.83 -5.81
C ILE D 37 -21.40 -6.37 -5.39
N ASN D 38 -20.95 -6.07 -4.17
CA ASN D 38 -21.28 -4.82 -3.44
C ASN D 38 -22.76 -4.50 -3.57
N GLY D 39 -23.06 -3.32 -4.09
CA GLY D 39 -24.43 -2.90 -4.34
C GLY D 39 -24.87 -3.10 -5.78
N TYR D 40 -24.23 -4.04 -6.50
CA TYR D 40 -24.60 -4.34 -7.90
C TYR D 40 -25.20 -5.73 -8.10
N GLU D 41 -26.51 -5.79 -8.35
CA GLU D 41 -27.17 -7.06 -8.64
C GLU D 41 -26.59 -7.73 -9.89
N VAL D 42 -26.38 -9.04 -9.78
CA VAL D 42 -25.75 -9.80 -10.86
C VAL D 42 -26.75 -10.86 -11.31
N ARG D 43 -27.49 -10.55 -12.35
CA ARG D 43 -28.43 -11.50 -12.92
C ARG D 43 -27.75 -12.25 -14.04
N THR D 44 -26.74 -11.64 -14.63
CA THR D 44 -26.05 -12.24 -15.77
C THR D 44 -24.53 -12.06 -15.71
N TRP D 45 -23.81 -12.83 -16.53
CA TRP D 45 -22.34 -12.72 -16.70
C TRP D 45 -21.86 -11.37 -17.11
N GLU D 46 -22.67 -10.66 -17.90
CA GLU D 46 -22.40 -9.31 -18.35
C GLU D 46 -22.54 -8.29 -17.20
N ASP D 47 -23.57 -8.45 -16.38
CA ASP D 47 -23.71 -7.67 -15.13
C ASP D 47 -22.47 -7.81 -14.23
N LEU D 48 -21.94 -9.03 -14.12
CA LEU D 48 -20.74 -9.30 -13.28
C LEU D 48 -19.50 -8.59 -13.82
N ARG D 49 -19.24 -8.77 -15.12
N ARG D 49 -19.23 -8.78 -15.11
CA ARG D 49 -18.13 -8.10 -15.80
CA ARG D 49 -18.13 -8.10 -15.80
C ARG D 49 -18.20 -6.59 -15.62
C ARG D 49 -18.21 -6.59 -15.59
N ASP D 50 -19.38 -6.01 -15.86
CA ASP D 50 -19.58 -4.55 -15.79
C ASP D 50 -19.40 -3.97 -14.37
N ALA D 51 -19.92 -4.68 -13.37
CA ALA D 51 -19.79 -4.25 -11.98
C ALA D 51 -18.35 -4.29 -11.46
N LEU D 52 -17.61 -5.34 -11.83
CA LEU D 52 -16.21 -5.43 -11.45
C LEU D 52 -15.38 -4.29 -12.00
N ILE D 53 -15.66 -3.94 -13.26
CA ILE D 53 -15.00 -2.84 -13.95
C ILE D 53 -15.34 -1.50 -13.29
N ARG D 54 -16.65 -1.24 -13.11
CA ARG D 54 -17.13 -0.06 -12.39
C ARG D 54 -16.49 0.05 -10.99
N LEU D 55 -16.45 -1.04 -10.23
CA LEU D 55 -15.80 -1.02 -8.90
C LEU D 55 -14.33 -0.63 -8.94
N SER D 56 -13.57 -1.27 -9.83
CA SER D 56 -12.16 -0.92 -9.98
C SER D 56 -11.95 0.54 -10.40
N LEU D 57 -12.73 1.04 -11.36
CA LEU D 57 -12.61 2.44 -11.82
C LEU D 57 -13.05 3.44 -10.74
N ASP D 58 -13.99 3.04 -9.89
CA ASP D 58 -14.33 3.88 -8.73
C ASP D 58 -13.38 3.74 -7.54
N GLY D 59 -12.33 2.94 -7.67
CA GLY D 59 -11.29 2.84 -6.65
C GLY D 59 -11.59 1.92 -5.48
N VAL D 60 -12.57 1.04 -5.63
CA VAL D 60 -12.90 0.05 -4.60
C VAL D 60 -11.77 -1.00 -4.54
N LYS D 61 -11.19 -1.17 -3.35
CA LYS D 61 -10.09 -2.10 -3.14
C LYS D 61 -10.64 -3.48 -2.84
N GLU D 62 -11.62 -3.54 -1.96
CA GLU D 62 -12.27 -4.80 -1.63
C GLU D 62 -13.75 -4.57 -1.42
N THR D 63 -14.53 -5.62 -1.64
CA THR D 63 -15.96 -5.51 -1.53
C THR D 63 -16.54 -6.88 -1.19
N THR D 64 -17.85 -6.94 -0.97
CA THR D 64 -18.56 -8.19 -0.73
C THR D 64 -19.10 -8.83 -2.01
N LEU D 65 -18.82 -10.13 -2.14
CA LEU D 65 -19.40 -10.98 -3.17
C LEU D 65 -20.50 -11.83 -2.54
N PHE D 66 -21.68 -11.84 -3.18
CA PHE D 66 -22.84 -12.59 -2.70
C PHE D 66 -23.08 -13.78 -3.60
N LEU D 67 -22.99 -14.98 -3.04
CA LEU D 67 -23.23 -16.14 -3.85
C LEU D 67 -24.23 -17.11 -3.22
N GLU D 68 -24.85 -17.90 -4.07
CA GLU D 68 -25.83 -18.91 -3.70
C GLU D 68 -25.18 -20.29 -3.77
N ARG D 69 -25.13 -20.99 -2.64
CA ARG D 69 -24.54 -22.35 -2.55
C ARG D 69 -25.38 -23.21 -1.62
N ASN D 70 -25.80 -24.39 -2.10
CA ASN D 70 -26.68 -25.30 -1.33
C ASN D 70 -27.89 -24.61 -0.68
N GLY D 71 -28.55 -23.74 -1.44
CA GLY D 71 -29.74 -23.02 -0.96
C GLY D 71 -29.53 -21.94 0.09
N GLU D 72 -28.29 -21.44 0.20
CA GLU D 72 -27.95 -20.42 1.19
C GLU D 72 -27.09 -19.33 0.58
N VAL D 73 -27.19 -18.13 1.12
CA VAL D 73 -26.39 -17.01 0.64
C VAL D 73 -25.05 -16.96 1.38
N LEU D 74 -23.95 -16.99 0.63
CA LEU D 74 -22.63 -16.82 1.18
C LEU D 74 -22.13 -15.41 0.88
N HIS D 75 -21.64 -14.73 1.90
CA HIS D 75 -21.02 -13.42 1.77
C HIS D 75 -19.53 -13.60 1.82
N LEU D 76 -18.83 -13.19 0.79
CA LEU D 76 -17.36 -13.35 0.79
C LEU D 76 -16.64 -12.06 0.41
N THR D 77 -15.69 -11.63 1.23
CA THR D 77 -14.90 -10.45 0.92
C THR D 77 -13.84 -10.76 -0.15
N ILE D 78 -13.96 -10.10 -1.31
CA ILE D 78 -12.99 -10.27 -2.38
C ILE D 78 -12.25 -8.99 -2.67
N LYS D 79 -11.01 -9.15 -3.10
CA LYS D 79 -10.22 -8.07 -3.63
C LYS D 79 -10.86 -7.69 -4.98
N VAL D 80 -10.98 -6.39 -5.27
CA VAL D 80 -11.49 -6.01 -6.59
C VAL D 80 -10.35 -6.18 -7.60
N PRO D 81 -10.56 -6.99 -8.64
CA PRO D 81 -9.49 -7.16 -9.63
C PRO D 81 -9.12 -5.83 -10.29
N ASN D 82 -7.82 -5.59 -10.43
CA ASN D 82 -7.32 -4.37 -11.05
C ASN D 82 -7.51 -4.42 -12.57
N VAL D 83 -8.53 -3.71 -13.06
CA VAL D 83 -8.81 -3.67 -14.49
C VAL D 83 -7.68 -3.04 -15.32
N GLN D 84 -6.91 -2.10 -14.76
CA GLN D 84 -5.77 -1.50 -15.49
C GLN D 84 -4.74 -2.56 -15.87
N LYS D 85 -4.70 -3.66 -15.12
CA LYS D 85 -3.74 -4.75 -15.38
C LYS D 85 -4.35 -5.92 -16.13
N GLY D 86 -5.63 -5.83 -16.46
CA GLY D 86 -6.33 -6.92 -17.15
C GLY D 86 -6.73 -8.06 -16.23
N GLU D 87 -6.55 -7.85 -14.93
CA GLU D 87 -6.86 -8.87 -13.92
C GLU D 87 -8.37 -9.10 -13.81
N GLU D 88 -8.75 -10.36 -13.66
CA GLU D 88 -10.13 -10.75 -13.57
C GLU D 88 -10.37 -11.60 -12.32
N LEU D 89 -11.64 -11.96 -12.11
CA LEU D 89 -12.06 -12.70 -10.93
C LEU D 89 -11.60 -14.16 -10.98
N GLY D 90 -11.72 -14.79 -12.14
CA GLY D 90 -11.14 -16.10 -12.40
C GLY D 90 -12.17 -17.21 -12.47
N ILE D 91 -13.38 -16.85 -12.86
CA ILE D 91 -14.46 -17.79 -12.99
C ILE D 91 -14.98 -17.76 -14.43
N ALA D 92 -15.49 -18.89 -14.89
CA ALA D 92 -16.04 -19.00 -16.23
C ALA D 92 -17.23 -19.95 -16.26
N PRO D 93 -18.15 -19.77 -17.23
CA PRO D 93 -19.29 -20.69 -17.29
C PRO D 93 -18.84 -22.09 -17.67
N LEU D 94 -19.68 -23.10 -17.44
CA LEU D 94 -19.39 -24.48 -17.83
C LEU D 94 -19.43 -24.62 -19.34
N VAL D 95 -18.34 -25.09 -19.92
CA VAL D 95 -18.34 -25.56 -21.29
C VAL D 95 -17.83 -27.00 -21.20
N LYS D 96 -18.72 -27.95 -21.49
CA LYS D 96 -18.37 -29.38 -21.44
C LYS D 96 -17.35 -29.73 -22.51
N PRO D 97 -16.49 -30.73 -22.24
CA PRO D 97 -15.52 -31.14 -23.25
C PRO D 97 -16.13 -32.04 -24.35
N VAL D 98 -17.16 -31.51 -25.02
CA VAL D 98 -17.85 -32.22 -26.10
C VAL D 98 -17.55 -31.52 -27.42
N VAL D 99 -17.15 -32.31 -28.41
CA VAL D 99 -16.76 -31.76 -29.70
C VAL D 99 -18.01 -31.31 -30.46
N GLY D 100 -18.03 -30.05 -30.85
CA GLY D 100 -19.10 -29.52 -31.68
C GLY D 100 -18.71 -29.51 -33.13
N GLY D 101 -17.45 -29.21 -33.39
CA GLY D 101 -16.94 -29.14 -34.75
C GLY D 101 -15.53 -29.66 -34.84
N VAL D 102 -15.17 -30.14 -36.03
CA VAL D 102 -13.81 -30.53 -36.37
C VAL D 102 -13.45 -29.79 -37.68
N LYS D 103 -12.44 -28.93 -37.62
CA LYS D 103 -11.92 -28.28 -38.82
C LYS D 103 -11.29 -29.30 -39.80
N LYS D 104 -11.79 -29.28 -41.04
CA LYS D 104 -11.34 -30.22 -42.07
C LYS D 104 -9.84 -30.12 -42.29
N GLY D 105 -9.16 -31.27 -42.30
CA GLY D 105 -7.73 -31.30 -42.56
C GLY D 105 -6.83 -31.01 -41.37
N SER D 106 -7.42 -30.71 -40.22
CA SER D 106 -6.68 -30.46 -39.00
C SER D 106 -6.19 -31.77 -38.37
N PRO D 107 -5.25 -31.70 -37.40
CA PRO D 107 -4.77 -32.90 -36.70
C PRO D 107 -5.89 -33.77 -36.12
N ALA D 108 -6.95 -33.13 -35.64
CA ALA D 108 -8.10 -33.84 -35.09
C ALA D 108 -8.91 -34.58 -36.16
N ASP D 109 -9.09 -33.93 -37.30
CA ASP D 109 -9.74 -34.54 -38.46
C ASP D 109 -8.90 -35.72 -38.97
N GLN D 110 -7.59 -35.54 -39.03
CA GLN D 110 -6.69 -36.53 -39.59
C GLN D 110 -6.67 -37.82 -38.79
N VAL D 111 -6.96 -37.74 -37.49
CA VAL D 111 -7.05 -38.94 -36.65
C VAL D 111 -8.48 -39.43 -36.44
N GLY D 112 -9.44 -38.76 -37.04
CA GLY D 112 -10.84 -39.23 -37.02
C GLY D 112 -11.67 -38.85 -35.80
N ILE D 113 -11.36 -37.71 -35.19
CA ILE D 113 -12.20 -37.19 -34.12
C ILE D 113 -13.47 -36.63 -34.78
N LYS D 114 -14.63 -36.90 -34.18
CA LYS D 114 -15.93 -36.56 -34.77
C LYS D 114 -16.79 -35.69 -33.84
N PRO D 115 -17.67 -34.84 -34.42
CA PRO D 115 -18.65 -34.16 -33.59
C PRO D 115 -19.45 -35.13 -32.74
N GLY D 116 -19.64 -34.82 -31.47
CA GLY D 116 -20.38 -35.70 -30.57
C GLY D 116 -19.47 -36.41 -29.59
N ASP D 117 -18.19 -36.50 -29.93
CA ASP D 117 -17.19 -37.13 -29.06
C ASP D 117 -17.08 -36.42 -27.72
N LEU D 118 -17.00 -37.21 -26.66
CA LEU D 118 -16.72 -36.68 -25.34
C LEU D 118 -15.28 -36.96 -24.97
N ILE D 119 -14.50 -35.90 -24.74
CA ILE D 119 -13.11 -36.02 -24.35
C ILE D 119 -13.03 -36.20 -22.84
N LEU D 120 -12.58 -37.39 -22.43
CA LEU D 120 -12.55 -37.79 -21.04
C LEU D 120 -11.25 -37.42 -20.37
N GLU D 121 -10.17 -37.52 -21.13
CA GLU D 121 -8.81 -37.38 -20.61
C GLU D 121 -7.86 -36.76 -21.65
N VAL D 122 -6.86 -36.06 -21.16
CA VAL D 122 -5.83 -35.48 -22.01
C VAL D 122 -4.51 -35.80 -21.36
N ASN D 123 -3.66 -36.52 -22.08
CA ASN D 123 -2.35 -36.98 -21.56
C ASN D 123 -2.47 -37.68 -20.20
N GLY D 124 -3.45 -38.57 -20.08
CA GLY D 124 -3.60 -39.39 -18.87
C GLY D 124 -4.45 -38.76 -17.79
N LYS D 125 -4.52 -37.42 -17.77
CA LYS D 125 -5.22 -36.66 -16.74
C LYS D 125 -6.66 -36.30 -17.15
N LYS D 126 -7.62 -36.64 -16.28
CA LYS D 126 -9.05 -36.35 -16.49
C LYS D 126 -9.30 -34.85 -16.66
N ILE D 127 -10.25 -34.50 -17.54
CA ILE D 127 -10.69 -33.12 -17.66
C ILE D 127 -12.21 -33.06 -17.53
N ASN D 128 -12.71 -31.93 -17.04
CA ASN D 128 -14.15 -31.73 -16.87
C ASN D 128 -14.68 -30.62 -17.75
N THR D 129 -13.77 -29.81 -18.30
CA THR D 129 -14.15 -28.65 -19.09
C THR D 129 -13.30 -28.49 -20.36
N TRP D 130 -13.84 -27.73 -21.30
CA TRP D 130 -13.12 -27.40 -22.52
C TRP D 130 -11.92 -26.53 -22.26
N TYR D 131 -11.97 -25.70 -21.21
CA TYR D 131 -10.83 -24.85 -20.81
C TYR D 131 -9.58 -25.69 -20.51
N GLU D 132 -9.79 -26.87 -19.90
CA GLU D 132 -8.66 -27.72 -19.52
C GLU D 132 -7.99 -28.33 -20.74
N LEU D 133 -8.81 -28.66 -21.74
CA LEU D 133 -8.34 -29.12 -23.03
C LEU D 133 -7.47 -28.05 -23.67
N VAL D 134 -7.98 -26.83 -23.71
CA VAL D 134 -7.27 -25.70 -24.31
C VAL D 134 -5.93 -25.50 -23.63
N GLU D 135 -5.96 -25.48 -22.30
CA GLU D 135 -4.75 -25.31 -21.49
C GLU D 135 -3.69 -26.37 -21.83
N GLU D 136 -4.09 -27.65 -21.89
CA GLU D 136 -3.19 -28.76 -22.28
C GLU D 136 -2.64 -28.65 -23.70
N VAL D 137 -3.49 -28.23 -24.65
CA VAL D 137 -3.05 -27.96 -26.02
C VAL D 137 -2.02 -26.82 -26.01
N ARG D 138 -2.34 -25.76 -25.30
CA ARG D 138 -1.44 -24.60 -25.18
C ARG D 138 -0.06 -24.99 -24.67
N LYS D 139 0.01 -25.96 -23.75
CA LYS D 139 1.33 -26.32 -23.22
C LYS D 139 1.93 -27.64 -23.76
N SER D 140 1.45 -28.09 -24.92
CA SER D 140 1.96 -29.30 -25.56
C SER D 140 3.36 -29.11 -26.16
N GLN D 141 3.78 -27.85 -26.26
CA GLN D 141 4.98 -27.43 -27.01
C GLN D 141 5.15 -28.09 -28.38
N GLY D 142 4.03 -28.32 -29.04
CA GLY D 142 3.99 -28.95 -30.36
C GLY D 142 4.31 -30.45 -30.38
N LYS D 143 4.33 -31.07 -29.20
CA LYS D 143 4.51 -32.53 -29.09
C LYS D 143 3.16 -33.23 -29.17
N ALA D 144 3.15 -34.52 -29.48
CA ALA D 144 1.93 -35.29 -29.51
C ALA D 144 1.18 -35.28 -28.19
N ILE D 145 -0.14 -35.19 -28.25
CA ILE D 145 -0.95 -35.37 -27.05
C ILE D 145 -1.87 -36.55 -27.23
N LYS D 146 -2.18 -37.21 -26.13
CA LYS D 146 -3.14 -38.31 -26.16
C LYS D 146 -4.49 -37.87 -25.63
N LEU D 147 -5.54 -38.29 -26.32
CA LEU D 147 -6.90 -38.03 -25.92
C LEU D 147 -7.64 -39.34 -25.71
N LYS D 148 -8.41 -39.41 -24.63
CA LYS D 148 -9.30 -40.53 -24.40
C LYS D 148 -10.72 -40.05 -24.66
N ILE D 149 -11.39 -40.71 -25.59
CA ILE D 149 -12.67 -40.24 -26.09
C ILE D 149 -13.80 -41.24 -25.82
N LEU D 150 -14.97 -40.74 -25.47
CA LEU D 150 -16.17 -41.58 -25.40
C LEU D 150 -17.04 -41.31 -26.63
N ARG D 151 -17.24 -42.37 -27.42
CA ARG D 151 -18.11 -42.35 -28.59
C ARG D 151 -19.02 -43.57 -28.53
N ASN D 152 -20.34 -43.34 -28.62
CA ASN D 152 -21.35 -44.40 -28.56
C ASN D 152 -21.10 -45.44 -27.46
N GLY D 153 -20.70 -44.97 -26.28
CA GLY D 153 -20.41 -45.86 -25.16
C GLY D 153 -19.06 -46.57 -25.17
N LYS D 154 -18.22 -46.28 -26.16
CA LYS D 154 -16.92 -46.97 -26.26
C LYS D 154 -15.74 -46.05 -26.03
N MET D 155 -14.83 -46.46 -25.14
CA MET D 155 -13.55 -45.78 -24.93
C MET D 155 -12.67 -46.00 -26.15
N ILE D 156 -12.21 -44.90 -26.75
CA ILE D 156 -11.24 -44.95 -27.82
C ILE D 156 -10.11 -43.98 -27.50
N GLU D 157 -8.94 -44.20 -28.09
CA GLU D 157 -7.79 -43.35 -27.84
C GLU D 157 -7.22 -42.76 -29.12
N LYS D 158 -6.78 -41.51 -29.02
CA LYS D 158 -6.23 -40.81 -30.16
C LYS D 158 -4.97 -40.11 -29.74
N GLU D 159 -3.97 -40.18 -30.60
CA GLU D 159 -2.76 -39.44 -30.40
C GLU D 159 -2.67 -38.47 -31.56
N LEU D 160 -2.38 -37.20 -31.29
CA LEU D 160 -2.29 -36.20 -32.34
C LEU D 160 -1.31 -35.09 -32.00
N ILE D 161 -0.78 -34.47 -33.04
CA ILE D 161 0.23 -33.42 -32.88
C ILE D 161 -0.44 -32.07 -33.18
N PRO D 162 -0.43 -31.14 -32.20
CA PRO D 162 -0.95 -29.79 -32.41
C PRO D 162 -0.11 -29.05 -33.42
N ALA D 163 -0.75 -28.18 -34.18
CA ALA D 163 -0.09 -27.35 -35.16
C ALA D 163 -0.16 -25.93 -34.67
N LYS D 164 0.97 -25.22 -34.71
CA LYS D 164 0.97 -23.82 -34.34
C LYS D 164 0.18 -23.00 -35.39
N ASP D 165 -0.82 -22.27 -34.92
CA ASP D 165 -1.76 -21.59 -35.81
C ASP D 165 -1.53 -20.10 -35.81
N PRO D 166 -1.18 -19.53 -36.98
CA PRO D 166 -0.85 -18.11 -37.12
C PRO D 166 -1.94 -17.18 -36.64
N LYS D 167 -3.21 -17.51 -36.90
CA LYS D 167 -4.28 -16.57 -36.52
C LYS D 167 -4.65 -16.56 -35.03
N THR D 168 -4.31 -17.63 -34.31
CA THR D 168 -4.51 -17.66 -32.85
C THR D 168 -3.19 -17.43 -32.11
N GLY D 169 -2.05 -17.58 -32.79
CA GLY D 169 -0.72 -17.41 -32.19
C GLY D 169 -0.33 -18.51 -31.20
N THR D 170 -1.06 -19.62 -31.25
CA THR D 170 -0.83 -20.74 -30.32
C THR D 170 -1.13 -22.08 -31.01
N TYR D 171 -0.90 -23.17 -30.28
CA TYR D 171 -1.18 -24.51 -30.79
C TYR D 171 -2.67 -24.74 -30.97
N PHE D 172 -2.99 -25.44 -32.05
CA PHE D 172 -4.34 -25.66 -32.50
C PHE D 172 -4.43 -27.14 -32.88
N ILE D 173 -5.50 -27.81 -32.48
CA ILE D 173 -5.70 -29.21 -32.89
C ILE D 173 -6.91 -29.40 -33.79
N GLY D 174 -7.77 -28.39 -33.90
CA GLY D 174 -8.89 -28.40 -34.84
C GLY D 174 -10.27 -28.72 -34.29
N LEU D 175 -10.46 -28.49 -32.99
CA LEU D 175 -11.73 -28.82 -32.33
C LEU D 175 -12.47 -27.57 -31.85
N PHE D 176 -13.79 -27.62 -31.95
CA PHE D 176 -14.65 -26.54 -31.48
C PHE D 176 -15.69 -27.17 -30.56
N PRO D 177 -15.94 -26.54 -29.40
CA PRO D 177 -16.93 -27.07 -28.45
C PRO D 177 -18.35 -26.90 -28.98
N LYS D 178 -19.31 -27.56 -28.34
CA LYS D 178 -20.70 -27.41 -28.72
C LYS D 178 -21.35 -26.27 -27.95
N THR D 179 -22.12 -25.43 -28.64
CA THR D 179 -23.03 -24.48 -27.99
C THR D 179 -24.48 -24.70 -28.42
N GLU E 1 4.55 -11.06 -14.54
CA GLU E 1 4.00 -10.09 -15.55
C GLU E 1 4.68 -10.26 -16.90
N VAL E 2 3.89 -10.19 -17.97
CA VAL E 2 4.41 -10.27 -19.34
C VAL E 2 4.93 -8.90 -19.81
N GLN E 3 6.13 -8.87 -20.37
CA GLN E 3 6.70 -7.65 -20.91
C GLN E 3 7.46 -7.89 -22.21
N LEU E 4 7.44 -6.90 -23.10
CA LEU E 4 8.28 -6.90 -24.28
C LEU E 4 9.15 -5.64 -24.24
N GLN E 5 10.46 -5.85 -24.17
CA GLN E 5 11.41 -4.75 -24.04
C GLN E 5 12.17 -4.57 -25.34
N GLN E 6 12.17 -3.35 -25.86
CA GLN E 6 12.84 -3.06 -27.12
C GLN E 6 14.11 -2.22 -26.95
N SER E 7 15.06 -2.39 -27.87
CA SER E 7 16.29 -1.58 -27.91
C SER E 7 16.04 -0.10 -28.26
N GLY E 8 17.05 0.76 -28.02
CA GLY E 8 16.90 2.22 -28.12
C GLY E 8 16.84 2.79 -29.52
N ALA E 9 16.60 4.09 -29.62
CA ALA E 9 16.45 4.77 -30.92
C ALA E 9 17.72 4.68 -31.74
N GLU E 10 17.59 4.87 -33.06
CA GLU E 10 18.71 4.69 -33.98
C GLU E 10 18.75 5.75 -35.07
N LEU E 11 19.94 6.32 -35.29
CA LEU E 11 20.19 7.14 -36.48
C LEU E 11 21.02 6.34 -37.48
N VAL E 12 20.61 6.37 -38.74
CA VAL E 12 21.22 5.53 -39.77
C VAL E 12 21.32 6.25 -41.13
N LYS E 13 22.52 6.22 -41.71
CA LYS E 13 22.81 6.83 -43.00
C LYS E 13 22.02 6.13 -44.12
N PRO E 14 21.43 6.91 -45.03
CA PRO E 14 20.71 6.36 -46.18
C PRO E 14 21.54 5.27 -46.88
N GLY E 15 20.89 4.19 -47.29
CA GLY E 15 21.56 3.08 -47.97
C GLY E 15 22.05 1.97 -47.05
N ALA E 16 22.31 2.31 -45.79
CA ALA E 16 22.87 1.37 -44.82
C ALA E 16 21.82 0.42 -44.19
N SER E 17 22.24 -0.34 -43.18
CA SER E 17 21.40 -1.32 -42.49
C SER E 17 21.34 -1.11 -40.99
N VAL E 18 20.28 -1.59 -40.37
CA VAL E 18 20.15 -1.58 -38.90
C VAL E 18 19.40 -2.81 -38.35
N LYS E 19 19.77 -3.20 -37.13
CA LYS E 19 19.16 -4.35 -36.47
C LYS E 19 18.66 -3.97 -35.07
N LEU E 20 17.39 -4.27 -34.80
CA LEU E 20 16.71 -3.91 -33.54
C LEU E 20 16.29 -5.17 -32.79
N SER E 21 16.15 -5.08 -31.48
CA SER E 21 15.86 -6.26 -30.68
C SER E 21 14.62 -6.15 -29.79
N CYS E 22 14.01 -7.29 -29.50
CA CYS E 22 12.84 -7.38 -28.62
C CYS E 22 12.94 -8.60 -27.71
N THR E 23 13.02 -8.34 -26.40
CA THR E 23 13.16 -9.39 -25.39
C THR E 23 11.87 -9.62 -24.62
N ALA E 24 11.42 -10.87 -24.60
CA ALA E 24 10.17 -11.25 -23.92
C ALA E 24 10.40 -11.85 -22.54
N SER E 25 9.54 -11.46 -21.59
CA SER E 25 9.50 -12.01 -20.22
C SER E 25 8.08 -12.47 -19.90
N GLY E 26 7.95 -13.52 -19.08
CA GLY E 26 6.63 -14.01 -18.64
C GLY E 26 6.00 -15.06 -19.54
N PHE E 27 6.64 -15.30 -20.69
CA PHE E 27 6.20 -16.36 -21.59
C PHE E 27 7.37 -16.82 -22.49
N ASN E 28 7.21 -17.97 -23.14
CA ASN E 28 8.26 -18.50 -24.03
C ASN E 28 7.89 -18.22 -25.48
N ILE E 29 8.67 -17.37 -26.14
CA ILE E 29 8.43 -17.09 -27.56
C ILE E 29 8.32 -18.38 -28.40
N LYS E 30 9.03 -19.42 -27.98
CA LYS E 30 8.99 -20.74 -28.64
C LYS E 30 7.56 -21.27 -28.82
N ASP E 31 6.67 -20.89 -27.89
CA ASP E 31 5.28 -21.34 -27.91
C ASP E 31 4.38 -20.53 -28.86
N THR E 32 4.92 -19.51 -29.54
CA THR E 32 4.07 -18.52 -30.20
C THR E 32 4.79 -17.84 -31.40
N TYR E 33 4.36 -16.64 -31.75
CA TYR E 33 4.99 -15.86 -32.80
C TYR E 33 5.24 -14.45 -32.29
N LEU E 34 6.35 -13.83 -32.72
CA LEU E 34 6.55 -12.41 -32.50
C LEU E 34 6.38 -11.62 -33.79
N HIS E 35 5.54 -10.59 -33.76
CA HIS E 35 5.26 -9.77 -34.93
C HIS E 35 6.00 -8.46 -34.84
N TRP E 36 6.28 -7.85 -35.98
CA TRP E 36 6.84 -6.49 -36.03
C TRP E 36 5.94 -5.58 -36.81
N VAL E 37 5.77 -4.35 -36.32
CA VAL E 37 4.86 -3.39 -36.93
C VAL E 37 5.62 -2.08 -37.16
N LYS E 38 5.39 -1.46 -38.31
CA LYS E 38 6.05 -0.19 -38.65
C LYS E 38 5.04 0.96 -38.51
N GLN E 39 5.49 2.06 -37.89
CA GLN E 39 4.71 3.29 -37.86
C GLN E 39 5.52 4.54 -38.21
N ARG E 40 5.35 5.01 -39.45
CA ARG E 40 5.98 6.27 -39.85
C ARG E 40 5.29 7.44 -39.14
N PRO E 41 6.05 8.49 -38.77
CA PRO E 41 5.45 9.66 -38.12
C PRO E 41 4.33 10.27 -38.97
N GLU E 42 3.22 10.64 -38.32
CA GLU E 42 1.99 11.12 -39.00
C GLU E 42 1.28 10.03 -39.82
N HIS E 43 1.71 8.78 -39.68
CA HIS E 43 1.18 7.70 -40.51
C HIS E 43 0.51 6.61 -39.73
N GLY E 44 -0.11 5.68 -40.45
CA GLY E 44 -0.78 4.56 -39.80
C GLY E 44 0.19 3.49 -39.32
N LEU E 45 -0.33 2.28 -39.17
CA LEU E 45 0.48 1.13 -38.75
C LEU E 45 0.60 0.16 -39.93
N GLU E 46 1.80 -0.37 -40.11
CA GLU E 46 2.00 -1.38 -41.14
C GLU E 46 2.66 -2.61 -40.55
N TRP E 47 2.09 -3.76 -40.85
CA TRP E 47 2.58 -5.04 -40.40
C TRP E 47 3.72 -5.50 -41.25
N ILE E 48 4.91 -5.57 -40.66
CA ILE E 48 6.09 -6.06 -41.38
C ILE E 48 6.03 -7.57 -41.60
N GLY E 49 6.02 -8.32 -40.50
CA GLY E 49 5.93 -9.78 -40.58
C GLY E 49 5.93 -10.42 -39.22
N ARG E 50 5.89 -11.75 -39.19
CA ARG E 50 6.04 -12.52 -37.96
C ARG E 50 7.18 -13.54 -38.09
N ILE E 51 7.63 -14.05 -36.96
CA ILE E 51 8.48 -15.22 -36.94
C ILE E 51 7.94 -16.28 -35.98
N ASP E 52 8.04 -17.54 -36.39
CA ASP E 52 7.86 -18.66 -35.47
C ASP E 52 9.27 -19.01 -34.94
N PRO E 53 9.55 -18.68 -33.66
CA PRO E 53 10.87 -18.95 -33.04
C PRO E 53 11.20 -20.43 -32.88
N ALA E 54 10.19 -21.29 -32.85
CA ALA E 54 10.38 -22.74 -32.79
C ALA E 54 11.15 -23.31 -34.00
N ASN E 55 10.89 -22.75 -35.18
CA ASN E 55 11.52 -23.24 -36.40
C ASN E 55 12.19 -22.19 -37.27
N GLY E 56 12.29 -20.95 -36.77
CA GLY E 56 12.87 -19.84 -37.55
C GLY E 56 12.09 -19.38 -38.79
N ASN E 57 10.89 -19.91 -39.01
CA ASN E 57 10.09 -19.48 -40.15
C ASN E 57 9.54 -18.07 -40.02
N ALA E 58 10.03 -17.16 -40.85
CA ALA E 58 9.49 -15.81 -40.90
C ALA E 58 8.64 -15.62 -42.14
N LYS E 59 7.45 -15.06 -41.97
CA LYS E 59 6.63 -14.64 -43.11
C LYS E 59 6.44 -13.14 -43.08
N TYR E 60 6.44 -12.53 -44.26
CA TYR E 60 6.39 -11.08 -44.38
C TYR E 60 5.27 -10.64 -45.31
N ASP E 61 4.97 -9.35 -45.26
CA ASP E 61 4.19 -8.72 -46.30
C ASP E 61 5.13 -8.68 -47.52
N PRO E 62 4.73 -9.28 -48.66
CA PRO E 62 5.58 -9.31 -49.87
C PRO E 62 6.25 -7.99 -50.21
N LYS E 63 5.68 -6.87 -49.75
CA LYS E 63 6.27 -5.55 -49.96
C LYS E 63 7.45 -5.30 -49.01
N PHE E 64 7.59 -6.15 -48.00
CA PHE E 64 8.69 -6.05 -47.01
C PHE E 64 9.71 -7.17 -47.18
N GLN E 65 9.34 -8.18 -47.98
CA GLN E 65 10.12 -9.42 -48.16
C GLN E 65 11.65 -9.22 -48.35
N ASP E 66 12.06 -8.11 -48.95
CA ASP E 66 13.48 -7.85 -49.18
C ASP E 66 14.01 -6.60 -48.48
N LYS E 67 13.14 -5.97 -47.69
CA LYS E 67 13.51 -4.80 -46.90
C LYS E 67 13.88 -5.22 -45.48
N ALA E 68 13.14 -6.19 -44.96
CA ALA E 68 13.24 -6.56 -43.56
C ALA E 68 13.63 -8.02 -43.39
N THR E 69 14.39 -8.28 -42.33
CA THR E 69 14.79 -9.64 -41.97
C THR E 69 14.56 -9.87 -40.47
N ILE E 70 13.68 -10.82 -40.16
CA ILE E 70 13.29 -11.08 -38.79
C ILE E 70 13.92 -12.38 -38.28
N THR E 71 14.57 -12.32 -37.13
CA THR E 71 15.20 -13.50 -36.55
C THR E 71 14.82 -13.64 -35.08
N ALA E 72 15.06 -14.82 -34.52
CA ALA E 72 14.75 -15.06 -33.12
C ALA E 72 15.79 -15.95 -32.45
N ASP E 73 16.02 -15.73 -31.16
CA ASP E 73 16.89 -16.57 -30.35
C ASP E 73 16.05 -17.03 -29.15
N THR E 74 15.72 -18.32 -29.13
CA THR E 74 14.85 -18.83 -28.06
C THR E 74 15.54 -18.98 -26.72
N SER E 75 16.84 -19.28 -26.74
CA SER E 75 17.60 -19.39 -25.49
C SER E 75 17.61 -18.05 -24.73
N SER E 76 17.67 -16.94 -25.46
CA SER E 76 17.58 -15.61 -24.85
C SER E 76 16.19 -14.98 -24.99
N ASN E 77 15.20 -15.76 -25.44
CA ASN E 77 13.80 -15.31 -25.56
C ASN E 77 13.68 -13.98 -26.32
N THR E 78 14.42 -13.86 -27.43
CA THR E 78 14.59 -12.58 -28.08
C THR E 78 14.39 -12.64 -29.59
N ALA E 79 13.61 -11.68 -30.13
CA ALA E 79 13.43 -11.55 -31.57
C ALA E 79 14.09 -10.27 -32.07
N TYR E 80 14.52 -10.27 -33.34
CA TYR E 80 15.26 -9.16 -33.91
C TYR E 80 14.65 -8.67 -35.23
N LEU E 81 14.86 -7.41 -35.54
CA LEU E 81 14.42 -6.84 -36.80
C LEU E 81 15.60 -6.21 -37.53
N GLN E 82 15.93 -6.77 -38.68
CA GLN E 82 16.96 -6.19 -39.52
C GLN E 82 16.30 -5.50 -40.71
N LEU E 83 16.64 -4.24 -40.92
CA LEU E 83 16.23 -3.51 -42.10
C LEU E 83 17.47 -3.14 -42.91
N ASN E 84 17.38 -3.30 -44.23
CA ASN E 84 18.51 -3.03 -45.12
C ASN E 84 18.18 -2.04 -46.23
N SER E 85 19.21 -1.34 -46.71
CA SER E 85 19.11 -0.38 -47.83
C SER E 85 18.07 0.71 -47.51
N LEU E 86 18.31 1.43 -46.42
CA LEU E 86 17.31 2.34 -45.85
C LEU E 86 17.09 3.64 -46.63
N THR E 87 15.83 3.89 -46.96
CA THR E 87 15.39 5.13 -47.60
C THR E 87 14.68 5.99 -46.55
N SER E 88 14.29 7.21 -46.91
CA SER E 88 13.55 8.09 -45.98
C SER E 88 12.20 7.49 -45.59
N GLU E 89 11.65 6.64 -46.46
CA GLU E 89 10.40 5.93 -46.20
C GLU E 89 10.56 4.96 -45.02
N ASP E 90 11.81 4.57 -44.73
CA ASP E 90 12.11 3.67 -43.61
C ASP E 90 12.26 4.41 -42.28
N THR E 91 12.12 5.73 -42.32
CA THR E 91 12.03 6.52 -41.09
C THR E 91 10.70 6.24 -40.40
N ALA E 92 10.75 5.66 -39.21
CA ALA E 92 9.55 5.17 -38.53
C ALA E 92 9.81 4.75 -37.10
N VAL E 93 8.72 4.48 -36.37
CA VAL E 93 8.77 3.79 -35.09
C VAL E 93 8.42 2.32 -35.37
N TYR E 94 9.24 1.40 -34.86
CA TYR E 94 9.05 -0.04 -35.08
C TYR E 94 8.64 -0.73 -33.77
N TYR E 95 7.57 -1.53 -33.82
CA TYR E 95 7.05 -2.21 -32.63
C TYR E 95 7.16 -3.72 -32.75
N CYS E 96 7.48 -4.37 -31.63
N CYS E 96 7.43 -4.34 -31.62
CA CYS E 96 7.33 -5.81 -31.55
CA CYS E 96 7.37 -5.78 -31.49
C CYS E 96 6.09 -6.09 -30.72
C CYS E 96 6.12 -6.09 -30.68
N SER E 97 5.41 -7.19 -31.03
N SER E 97 5.43 -7.16 -31.01
CA SER E 97 4.19 -7.51 -30.33
CA SER E 97 4.19 -7.50 -30.33
C SER E 97 3.92 -9.01 -30.41
C SER E 97 3.92 -9.00 -30.41
N ASN E 98 3.11 -9.49 -29.48
CA ASN E 98 2.63 -10.86 -29.50
C ASN E 98 1.12 -10.86 -29.27
N ARG E 99 0.42 -11.77 -29.91
CA ARG E 99 -0.98 -11.93 -29.63
C ARG E 99 -1.36 -13.38 -29.64
N GLN E 100 -2.17 -13.77 -28.66
CA GLN E 100 -2.72 -15.11 -28.59
C GLN E 100 -4.20 -15.02 -28.32
N LEU E 101 -4.98 -15.80 -29.06
CA LEU E 101 -6.44 -15.69 -28.97
C LEU E 101 -7.10 -17.03 -28.74
N GLY E 102 -8.15 -17.03 -27.92
CA GLY E 102 -9.05 -18.17 -27.86
C GLY E 102 -10.23 -17.95 -28.78
N LEU E 103 -10.75 -19.02 -29.37
CA LEU E 103 -11.85 -18.92 -30.31
C LEU E 103 -13.20 -19.13 -29.61
N ARG E 104 -14.25 -19.32 -30.39
CA ARG E 104 -15.61 -19.44 -29.85
C ARG E 104 -15.75 -20.63 -28.90
N GLY E 105 -16.46 -20.40 -27.79
CA GLY E 105 -16.58 -21.39 -26.74
C GLY E 105 -15.54 -21.24 -25.64
N TYR E 106 -14.46 -20.52 -25.92
CA TYR E 106 -13.35 -20.34 -24.96
C TYR E 106 -12.58 -19.03 -25.23
N TYR E 107 -13.30 -17.93 -25.37
CA TYR E 107 -12.72 -16.66 -25.79
C TYR E 107 -11.72 -16.07 -24.81
N TYR E 108 -10.50 -15.84 -25.28
CA TYR E 108 -9.51 -15.11 -24.49
C TYR E 108 -8.64 -14.31 -25.41
N ALA E 109 -8.00 -13.29 -24.87
CA ALA E 109 -7.03 -12.54 -25.65
C ALA E 109 -5.80 -12.23 -24.80
N MET E 110 -4.64 -12.55 -25.35
CA MET E 110 -3.38 -12.10 -24.80
C MET E 110 -2.75 -11.21 -25.86
N ASP E 111 -2.40 -9.98 -25.47
CA ASP E 111 -1.98 -8.95 -26.41
C ASP E 111 -0.95 -8.02 -25.77
N TYR E 112 0.28 -8.09 -26.26
CA TYR E 112 1.37 -7.40 -25.61
C TYR E 112 2.19 -6.71 -26.65
N TRP E 113 2.61 -5.49 -26.33
CA TRP E 113 3.44 -4.71 -27.22
C TRP E 113 4.66 -4.21 -26.51
N GLY E 114 5.77 -4.09 -27.23
CA GLY E 114 6.92 -3.36 -26.72
C GLY E 114 6.66 -1.86 -26.81
N GLN E 115 7.49 -1.05 -26.16
N GLN E 115 7.53 -1.08 -26.18
CA GLN E 115 7.26 0.39 -26.17
CA GLN E 115 7.38 0.38 -26.13
C GLN E 115 7.74 1.07 -27.46
C GLN E 115 7.68 1.05 -27.47
N GLY E 116 8.11 0.25 -28.44
CA GLY E 116 8.47 0.76 -29.76
C GLY E 116 9.90 1.25 -29.83
N THR E 117 10.49 1.17 -31.02
CA THR E 117 11.82 1.69 -31.27
C THR E 117 11.76 2.63 -32.48
N SER E 118 12.23 3.85 -32.27
CA SER E 118 12.26 4.90 -33.31
C SER E 118 13.55 4.85 -34.13
N VAL E 119 13.40 5.05 -35.43
CA VAL E 119 14.52 4.97 -36.38
C VAL E 119 14.47 6.14 -37.35
N SER E 120 15.50 6.97 -37.29
CA SER E 120 15.67 8.10 -38.22
C SER E 120 16.69 7.80 -39.30
N VAL E 121 16.23 7.77 -40.55
CA VAL E 121 17.09 7.58 -41.71
C VAL E 121 17.56 8.96 -42.18
N SER E 122 18.83 9.28 -41.91
CA SER E 122 19.39 10.60 -42.25
C SER E 122 20.92 10.65 -42.38
N SER E 123 21.39 11.60 -43.17
CA SER E 123 22.84 11.82 -43.38
C SER E 123 23.41 12.90 -42.45
N ALA E 124 22.52 13.64 -41.78
CA ALA E 124 22.92 14.72 -40.88
C ALA E 124 23.68 14.21 -39.65
N LYS E 125 24.71 14.95 -39.26
CA LYS E 125 25.53 14.56 -38.11
C LYS E 125 24.85 14.81 -36.77
N THR E 126 25.36 14.13 -35.75
CA THR E 126 24.88 14.25 -34.39
C THR E 126 25.35 15.55 -33.75
N THR E 127 24.41 16.29 -33.17
CA THR E 127 24.68 17.59 -32.54
C THR E 127 23.98 17.65 -31.18
N PRO E 128 24.72 18.04 -30.11
CA PRO E 128 24.16 18.16 -28.75
C PRO E 128 23.22 19.35 -28.59
N PRO E 129 22.34 19.33 -27.57
CA PRO E 129 21.36 20.39 -27.40
C PRO E 129 21.88 21.56 -26.58
N SER E 130 21.49 22.77 -26.97
CA SER E 130 21.69 23.96 -26.15
C SER E 130 20.48 24.08 -25.23
N VAL E 131 20.75 24.24 -23.94
CA VAL E 131 19.67 24.41 -22.96
C VAL E 131 19.73 25.82 -22.38
N TYR E 132 18.62 26.55 -22.50
CA TYR E 132 18.50 27.91 -21.98
C TYR E 132 17.29 28.04 -21.06
N PRO E 133 17.42 28.82 -19.97
CA PRO E 133 16.26 29.11 -19.11
C PRO E 133 15.37 30.22 -19.69
N LEU E 134 14.14 30.32 -19.18
CA LEU E 134 13.21 31.37 -19.58
C LEU E 134 12.35 31.77 -18.39
N ALA E 135 12.42 33.04 -18.00
CA ALA E 135 11.62 33.57 -16.88
C ALA E 135 11.28 35.04 -17.06
N LEU E 148 7.68 29.82 -16.23
CA LEU E 148 8.89 28.99 -16.20
C LEU E 148 8.92 27.95 -17.33
N GLY E 149 9.97 28.00 -18.14
CA GLY E 149 10.14 27.05 -19.24
C GLY E 149 11.59 26.92 -19.69
N CYS E 150 11.92 25.75 -20.25
CA CYS E 150 13.26 25.49 -20.77
C CYS E 150 13.25 25.36 -22.28
N LEU E 151 14.11 26.15 -22.94
CA LEU E 151 14.25 26.10 -24.40
C LEU E 151 15.42 25.20 -24.80
N VAL E 152 15.14 24.22 -25.65
CA VAL E 152 16.14 23.24 -26.10
C VAL E 152 16.36 23.36 -27.62
N LYS E 153 17.48 23.94 -28.02
CA LYS E 153 17.68 24.38 -29.40
C LYS E 153 18.75 23.62 -30.20
N GLY E 154 18.53 23.55 -31.51
CA GLY E 154 19.49 23.06 -32.51
C GLY E 154 20.23 21.76 -32.23
N TYR E 155 19.48 20.65 -32.18
CA TYR E 155 20.09 19.34 -31.93
C TYR E 155 19.69 18.31 -32.99
N PHE E 156 20.33 17.14 -32.94
CA PHE E 156 20.05 16.06 -33.88
C PHE E 156 20.66 14.75 -33.38
N PRO E 157 19.88 13.65 -33.40
CA PRO E 157 18.46 13.62 -33.71
C PRO E 157 17.60 13.46 -32.46
N GLU E 158 16.34 13.06 -32.65
CA GLU E 158 15.45 12.69 -31.56
C GLU E 158 15.98 11.39 -30.89
N PRO E 159 15.67 11.18 -29.60
CA PRO E 159 14.83 11.99 -28.71
C PRO E 159 15.61 12.82 -27.67
N VAL E 160 14.85 13.63 -26.93
CA VAL E 160 15.31 14.34 -25.75
C VAL E 160 14.31 13.97 -24.65
N THR E 161 14.79 13.83 -23.41
CA THR E 161 13.93 13.40 -22.29
C THR E 161 13.85 14.45 -21.17
N VAL E 162 12.84 15.31 -21.26
CA VAL E 162 12.66 16.43 -20.33
C VAL E 162 11.94 16.02 -19.05
N THR E 163 12.49 16.41 -17.90
CA THR E 163 11.86 16.24 -16.60
C THR E 163 12.09 17.48 -15.74
N TRP E 164 11.14 17.79 -14.86
CA TRP E 164 11.28 18.96 -13.99
C TRP E 164 11.61 18.54 -12.59
N ASN E 165 12.78 19.01 -12.10
CA ASN E 165 13.35 18.58 -10.82
C ASN E 165 13.51 17.06 -10.75
N SER E 166 13.99 16.47 -11.85
CA SER E 166 14.06 15.02 -12.04
C SER E 166 12.71 14.30 -11.80
N GLY E 167 11.64 14.91 -12.30
CA GLY E 167 10.28 14.39 -12.13
C GLY E 167 9.80 14.40 -10.69
N SER E 168 10.22 15.38 -9.90
CA SER E 168 9.74 15.55 -8.54
C SER E 168 8.30 16.03 -8.57
N LEU E 169 8.08 17.13 -9.29
CA LEU E 169 6.73 17.62 -9.55
C LEU E 169 6.52 17.80 -11.05
N SER E 170 5.44 17.21 -11.55
CA SER E 170 5.15 17.16 -12.99
C SER E 170 3.67 17.34 -13.35
N SER E 171 2.87 17.78 -12.36
CA SER E 171 1.46 18.10 -12.58
C SER E 171 1.33 19.51 -13.17
N GLY E 172 1.25 19.58 -14.49
CA GLY E 172 1.19 20.85 -15.20
C GLY E 172 2.41 21.09 -16.07
N VAL E 173 2.99 19.99 -16.58
CA VAL E 173 4.16 20.04 -17.44
C VAL E 173 3.74 19.81 -18.89
N HIS E 174 4.12 20.76 -19.76
CA HIS E 174 3.78 20.68 -21.17
C HIS E 174 5.01 20.64 -22.04
N THR E 175 5.44 19.43 -22.41
CA THR E 175 6.54 19.27 -23.35
C THR E 175 5.96 19.28 -24.76
N PHE E 176 6.66 19.90 -25.70
CA PHE E 176 6.15 20.08 -27.06
C PHE E 176 6.89 19.24 -28.10
N PRO E 177 6.18 18.88 -29.19
CA PRO E 177 6.80 18.28 -30.37
C PRO E 177 7.81 19.23 -31.01
N ALA E 178 9.02 18.72 -31.24
CA ALA E 178 10.12 19.52 -31.80
C ALA E 178 9.90 19.89 -33.26
N VAL E 179 10.62 20.90 -33.73
CA VAL E 179 10.57 21.34 -35.13
C VAL E 179 11.92 21.07 -35.82
N LEU E 180 11.84 20.44 -37.00
CA LEU E 180 13.02 20.24 -37.84
C LEU E 180 13.24 21.47 -38.71
N GLN E 181 14.47 21.99 -38.68
CA GLN E 181 14.86 23.13 -39.50
C GLN E 181 16.33 23.01 -39.89
N SER E 182 16.54 22.78 -41.19
CA SER E 182 17.89 22.55 -41.78
C SER E 182 18.77 21.62 -40.92
N ASP E 183 18.34 20.36 -40.80
CA ASP E 183 19.06 19.30 -40.08
C ASP E 183 19.23 19.55 -38.58
N LEU E 184 18.35 20.39 -38.01
CA LEU E 184 18.37 20.68 -36.57
C LEU E 184 16.96 20.73 -35.96
N TYR E 185 16.81 20.07 -34.82
CA TYR E 185 15.55 20.05 -34.06
C TYR E 185 15.56 21.10 -32.94
N THR E 186 14.36 21.57 -32.58
CA THR E 186 14.18 22.49 -31.46
C THR E 186 12.82 22.29 -30.80
N LEU E 187 12.82 22.11 -29.48
CA LEU E 187 11.58 22.09 -28.71
C LEU E 187 11.71 22.97 -27.47
N SER E 188 10.59 23.17 -26.79
CA SER E 188 10.56 23.82 -25.48
C SER E 188 9.52 23.17 -24.59
N SER E 189 9.77 23.20 -23.29
CA SER E 189 8.85 22.67 -22.30
C SER E 189 8.50 23.77 -21.29
N SER E 190 7.35 23.63 -20.62
CA SER E 190 6.93 24.55 -19.55
C SER E 190 6.29 23.80 -18.38
N VAL E 191 6.25 24.41 -17.20
CA VAL E 191 5.75 23.74 -16.00
C VAL E 191 4.67 24.52 -15.25
N THR E 204 14.66 23.94 -11.73
CA THR E 204 15.57 23.10 -12.51
C THR E 204 14.81 22.07 -13.36
N CYS E 205 15.16 22.04 -14.64
CA CYS E 205 14.69 21.00 -15.54
C CYS E 205 15.88 20.16 -16.02
N ASN E 206 15.64 18.89 -16.28
CA ASN E 206 16.67 18.00 -16.80
C ASN E 206 16.52 17.80 -18.30
N VAL E 207 17.64 17.81 -19.02
CA VAL E 207 17.65 17.59 -20.47
C VAL E 207 18.75 16.58 -20.83
N ALA E 208 18.32 15.43 -21.36
CA ALA E 208 19.25 14.39 -21.78
C ALA E 208 19.17 14.14 -23.29
N HIS E 209 20.32 14.19 -23.96
CA HIS E 209 20.42 13.88 -25.38
C HIS E 209 21.53 12.88 -25.56
N PRO E 210 21.21 11.58 -25.41
CA PRO E 210 22.24 10.53 -25.34
C PRO E 210 22.98 10.31 -26.66
N ALA E 211 22.42 10.84 -27.76
CA ALA E 211 22.99 10.69 -29.10
C ALA E 211 24.43 11.19 -29.23
N SER E 212 24.74 12.29 -28.54
CA SER E 212 26.11 12.76 -28.36
C SER E 212 26.43 12.81 -26.86
N SER E 213 25.61 12.10 -26.09
CA SER E 213 25.69 11.99 -24.62
C SER E 213 25.68 13.35 -23.89
N THR E 214 24.47 13.82 -23.59
CA THR E 214 24.27 15.08 -22.87
C THR E 214 23.39 14.84 -21.65
N LYS E 215 23.67 15.56 -20.57
CA LYS E 215 22.84 15.53 -19.36
C LYS E 215 22.91 16.87 -18.63
N VAL E 216 22.41 17.93 -19.28
CA VAL E 216 22.47 19.31 -18.76
C VAL E 216 21.29 19.65 -17.85
N ASP E 217 21.59 20.16 -16.66
CA ASP E 217 20.59 20.68 -15.74
C ASP E 217 20.51 22.22 -15.79
N LYS E 218 19.35 22.77 -15.45
CA LYS E 218 19.11 24.21 -15.51
C LYS E 218 18.22 24.66 -14.36
N TYR F 1 -4.28 -9.93 -50.57
CA TYR F 1 -4.10 -8.67 -49.80
C TYR F 1 -5.46 -8.10 -49.49
N ILE F 2 -5.87 -8.20 -48.22
CA ILE F 2 -7.16 -7.65 -47.81
C ILE F 2 -6.96 -6.17 -47.45
N VAL F 3 -7.59 -5.30 -48.23
CA VAL F 3 -7.61 -3.86 -47.92
C VAL F 3 -8.68 -3.60 -46.85
N LEU F 4 -8.33 -2.78 -45.87
CA LEU F 4 -9.27 -2.36 -44.83
C LEU F 4 -9.48 -0.86 -44.95
N THR F 5 -10.71 -0.47 -45.23
CA THR F 5 -11.02 0.95 -45.32
C THR F 5 -11.85 1.39 -44.14
N GLN F 6 -11.32 2.39 -43.45
CA GLN F 6 -11.82 2.82 -42.19
C GLN F 6 -12.45 4.19 -42.34
N SER F 7 -13.61 4.39 -41.71
CA SER F 7 -14.35 5.62 -41.82
C SER F 7 -14.99 5.99 -40.47
N PRO F 8 -15.00 7.28 -40.10
CA PRO F 8 -14.46 8.42 -40.83
C PRO F 8 -12.96 8.53 -40.62
N VAL F 9 -12.32 9.47 -41.27
CA VAL F 9 -10.91 9.74 -41.06
C VAL F 9 -10.75 10.38 -39.68
N SER F 10 -11.68 11.26 -39.33
CA SER F 10 -11.66 11.91 -38.03
C SER F 10 -13.06 12.31 -37.63
N LEU F 11 -13.25 12.54 -36.35
CA LEU F 11 -14.54 12.99 -35.86
C LEU F 11 -14.37 13.67 -34.50
N ALA F 12 -15.29 14.59 -34.22
CA ALA F 12 -15.32 15.25 -32.92
C ALA F 12 -16.63 14.87 -32.24
N VAL F 13 -16.52 14.30 -31.03
CA VAL F 13 -17.65 13.79 -30.26
C VAL F 13 -17.65 14.42 -28.85
N SER F 14 -18.80 14.95 -28.42
CA SER F 14 -18.94 15.50 -27.06
C SER F 14 -18.85 14.45 -25.97
N LEU F 15 -18.19 14.80 -24.87
CA LEU F 15 -18.14 13.94 -23.68
C LEU F 15 -19.53 13.44 -23.38
N GLY F 16 -19.64 12.15 -23.10
CA GLY F 16 -20.96 11.57 -22.85
C GLY F 16 -21.71 11.05 -24.06
N GLN F 17 -21.24 11.34 -25.27
CA GLN F 17 -21.99 10.95 -26.47
C GLN F 17 -21.37 9.80 -27.30
N ARG F 18 -21.99 9.51 -28.44
CA ARG F 18 -21.70 8.28 -29.20
C ARG F 18 -20.72 8.50 -30.35
N ALA F 19 -19.70 7.66 -30.40
CA ALA F 19 -18.78 7.57 -31.53
C ALA F 19 -18.96 6.25 -32.27
N THR F 20 -19.06 6.32 -33.61
CA THR F 20 -19.10 5.14 -34.48
C THR F 20 -17.93 5.18 -35.48
N ILE F 21 -17.20 4.08 -35.57
CA ILE F 21 -16.11 3.92 -36.55
C ILE F 21 -16.34 2.63 -37.30
N SER F 22 -16.27 2.70 -38.62
CA SER F 22 -16.48 1.50 -39.43
C SER F 22 -15.21 1.07 -40.14
N CYS F 23 -15.21 -0.18 -40.56
CA CYS F 23 -14.10 -0.80 -41.25
C CYS F 23 -14.69 -1.72 -42.31
N ARG F 24 -14.28 -1.51 -43.55
CA ARG F 24 -14.70 -2.38 -44.63
C ARG F 24 -13.50 -3.17 -45.08
N ALA F 25 -13.69 -4.48 -45.20
CA ALA F 25 -12.66 -5.35 -45.78
C ALA F 25 -13.05 -5.70 -47.22
N SER F 26 -12.06 -5.68 -48.11
CA SER F 26 -12.25 -6.10 -49.51
C SER F 26 -12.84 -7.53 -49.65
N GLU F 27 -12.26 -8.48 -48.90
N GLU F 27 -12.29 -8.46 -48.85
CA GLU F 27 -12.80 -9.84 -48.84
CA GLU F 27 -12.78 -9.83 -48.80
C GLU F 27 -13.26 -10.12 -47.41
C GLU F 27 -13.18 -10.16 -47.39
N SER F 28 -14.02 -11.19 -47.24
CA SER F 28 -14.46 -11.65 -45.94
C SER F 28 -13.25 -12.07 -45.09
N VAL F 29 -13.34 -11.85 -43.79
CA VAL F 29 -12.29 -12.23 -42.86
C VAL F 29 -12.81 -13.29 -41.91
N ASP F 30 -13.92 -13.92 -42.31
CA ASP F 30 -14.57 -14.98 -41.55
C ASP F 30 -14.00 -16.38 -41.84
N SER F 31 -13.97 -17.23 -40.80
CA SER F 31 -13.47 -18.61 -40.86
C SER F 31 -14.05 -19.43 -39.71
N TYR F 32 -14.82 -20.46 -40.03
CA TYR F 32 -15.45 -21.31 -39.01
C TYR F 32 -16.16 -20.53 -37.88
N GLY F 33 -16.99 -19.57 -38.26
CA GLY F 33 -17.88 -18.87 -37.32
C GLY F 33 -17.26 -17.80 -36.43
N ASP F 34 -16.12 -17.26 -36.86
CA ASP F 34 -15.45 -16.14 -36.19
C ASP F 34 -14.95 -15.17 -37.23
N SER F 35 -14.90 -13.88 -36.89
CA SER F 35 -14.42 -12.88 -37.83
C SER F 35 -13.05 -12.42 -37.39
N PHE F 36 -12.05 -12.67 -38.22
CA PHE F 36 -10.69 -12.35 -37.81
C PHE F 36 -10.33 -10.87 -37.99
N MET F 37 -11.07 -10.03 -37.25
N MET F 37 -11.08 -10.01 -37.30
CA MET F 37 -11.00 -8.58 -37.26
CA MET F 37 -10.78 -8.59 -37.31
C MET F 37 -10.92 -8.07 -35.83
C MET F 37 -10.89 -8.07 -35.87
N HIS F 38 -10.03 -7.12 -35.55
CA HIS F 38 -9.83 -6.63 -34.20
C HIS F 38 -9.67 -5.14 -34.19
N TRP F 39 -9.99 -4.52 -33.06
CA TRP F 39 -9.90 -3.06 -32.90
C TRP F 39 -8.89 -2.63 -31.88
N TYR F 40 -8.02 -1.69 -32.27
CA TYR F 40 -6.96 -1.16 -31.40
C TYR F 40 -7.16 0.33 -31.13
N GLN F 41 -6.76 0.76 -29.93
CA GLN F 41 -6.68 2.18 -29.56
C GLN F 41 -5.22 2.56 -29.40
N GLN F 42 -4.81 3.68 -30.01
CA GLN F 42 -3.44 4.14 -29.83
C GLN F 42 -3.42 5.60 -29.41
N LYS F 43 -2.89 5.86 -28.23
CA LYS F 43 -2.77 7.21 -27.72
C LYS F 43 -1.42 7.80 -28.13
N PRO F 44 -1.28 9.14 -28.09
CA PRO F 44 -0.04 9.78 -28.56
C PRO F 44 1.23 9.17 -27.97
N GLY F 45 2.15 8.74 -28.85
CA GLY F 45 3.44 8.15 -28.44
C GLY F 45 3.41 6.88 -27.59
N GLN F 46 2.31 6.12 -27.67
CA GLN F 46 2.17 4.86 -26.96
C GLN F 46 1.95 3.73 -27.96
N PRO F 47 2.27 2.49 -27.56
CA PRO F 47 1.96 1.40 -28.48
C PRO F 47 0.46 1.21 -28.55
N PRO F 48 -0.04 0.56 -29.60
CA PRO F 48 -1.48 0.28 -29.63
C PRO F 48 -1.91 -0.62 -28.47
N LYS F 49 -3.19 -0.55 -28.13
CA LYS F 49 -3.77 -1.34 -27.08
C LYS F 49 -5.01 -2.00 -27.67
N LEU F 50 -5.21 -3.28 -27.36
CA LEU F 50 -6.34 -4.03 -27.89
C LEU F 50 -7.64 -3.72 -27.13
N LEU F 51 -8.69 -3.40 -27.88
CA LEU F 51 -10.00 -3.14 -27.31
C LEU F 51 -10.96 -4.29 -27.54
N ILE F 52 -11.05 -4.72 -28.80
CA ILE F 52 -12.02 -5.73 -29.22
C ILE F 52 -11.25 -6.69 -30.11
N TYR F 53 -11.45 -7.98 -29.88
CA TYR F 53 -10.84 -8.99 -30.71
C TYR F 53 -11.93 -9.89 -31.26
N LEU F 54 -11.62 -10.50 -32.41
CA LEU F 54 -12.56 -11.36 -33.12
C LEU F 54 -13.95 -10.69 -33.29
N ALA F 55 -13.94 -9.46 -33.82
CA ALA F 55 -15.15 -8.67 -34.10
C ALA F 55 -15.87 -8.06 -32.90
N SER F 56 -16.14 -8.86 -31.86
CA SER F 56 -17.11 -8.45 -30.83
C SER F 56 -16.77 -8.78 -29.36
N ASN F 57 -15.57 -9.31 -29.11
CA ASN F 57 -15.23 -9.71 -27.75
C ASN F 57 -14.38 -8.67 -27.08
N LEU F 58 -14.76 -8.30 -25.86
CA LEU F 58 -13.99 -7.33 -25.09
C LEU F 58 -12.70 -7.90 -24.52
N GLU F 59 -11.60 -7.16 -24.71
CA GLU F 59 -10.35 -7.43 -24.03
C GLU F 59 -10.52 -7.18 -22.53
N SER F 60 -9.80 -7.95 -21.70
CA SER F 60 -9.96 -7.92 -20.25
C SER F 60 -9.79 -6.51 -19.73
N GLY F 61 -10.73 -6.04 -18.92
CA GLY F 61 -10.60 -4.69 -18.35
C GLY F 61 -11.19 -3.54 -19.18
N VAL F 62 -11.43 -3.77 -20.47
CA VAL F 62 -12.04 -2.77 -21.35
C VAL F 62 -13.55 -2.64 -21.04
N PRO F 63 -14.01 -1.41 -20.78
CA PRO F 63 -15.41 -1.18 -20.41
C PRO F 63 -16.39 -1.43 -21.55
N ALA F 64 -17.59 -1.88 -21.19
CA ALA F 64 -18.65 -2.20 -22.14
C ALA F 64 -19.14 -0.99 -22.95
N ARG F 65 -18.71 0.20 -22.59
CA ARG F 65 -19.01 1.35 -23.43
C ARG F 65 -18.31 1.21 -24.80
N PHE F 66 -17.40 0.24 -24.90
CA PHE F 66 -16.84 -0.20 -26.16
C PHE F 66 -17.59 -1.42 -26.66
N SER F 67 -18.07 -1.39 -27.90
CA SER F 67 -18.59 -2.60 -28.53
C SER F 67 -18.25 -2.68 -30.00
N GLY F 68 -18.14 -3.90 -30.51
CA GLY F 68 -17.85 -4.15 -31.91
C GLY F 68 -18.95 -5.01 -32.50
N SER F 69 -19.28 -4.77 -33.75
CA SER F 69 -20.29 -5.58 -34.40
C SER F 69 -19.91 -5.84 -35.85
N GLY F 70 -20.63 -6.76 -36.47
CA GLY F 70 -20.45 -7.06 -37.87
C GLY F 70 -19.88 -8.44 -38.09
N SER F 71 -19.75 -8.77 -39.37
CA SER F 71 -19.19 -10.02 -39.82
C SER F 71 -18.82 -9.82 -41.26
N ARG F 72 -18.06 -10.76 -41.81
N ARG F 72 -18.03 -10.75 -41.80
CA ARG F 72 -17.67 -10.76 -43.23
CA ARG F 72 -17.62 -10.75 -43.21
C ARG F 72 -16.76 -9.60 -43.64
C ARG F 72 -16.74 -9.58 -43.61
N THR F 73 -17.37 -8.54 -44.17
CA THR F 73 -16.64 -7.41 -44.77
C THR F 73 -16.97 -6.08 -44.10
N ASP F 74 -17.95 -6.10 -43.21
CA ASP F 74 -18.55 -4.87 -42.71
C ASP F 74 -18.56 -4.86 -41.19
N PHE F 75 -17.71 -4.00 -40.61
CA PHE F 75 -17.50 -3.98 -39.15
C PHE F 75 -17.56 -2.58 -38.52
N THR F 76 -18.16 -2.52 -37.33
CA THR F 76 -18.30 -1.25 -36.65
C THR F 76 -17.82 -1.34 -35.19
N LEU F 77 -17.05 -0.34 -34.77
CA LEU F 77 -16.74 -0.13 -33.37
C LEU F 77 -17.60 1.01 -32.87
N THR F 78 -18.17 0.85 -31.68
CA THR F 78 -18.94 1.91 -31.03
C THR F 78 -18.37 2.28 -29.67
N ILE F 79 -18.18 3.58 -29.46
CA ILE F 79 -17.81 4.10 -28.16
C ILE F 79 -18.94 4.98 -27.65
N ASP F 80 -19.63 4.51 -26.61
CA ASP F 80 -20.82 5.18 -26.11
C ASP F 80 -21.09 4.84 -24.64
N PRO F 81 -20.89 5.78 -23.72
CA PRO F 81 -20.46 7.17 -23.89
C PRO F 81 -18.96 7.36 -24.03
N VAL F 82 -18.58 8.40 -24.76
N VAL F 82 -18.58 8.39 -24.77
CA VAL F 82 -17.18 8.70 -24.95
CA VAL F 82 -17.19 8.74 -24.95
C VAL F 82 -16.70 9.47 -23.72
C VAL F 82 -16.70 9.46 -23.70
N GLU F 83 -15.43 9.26 -23.35
CA GLU F 83 -14.85 9.92 -22.18
C GLU F 83 -13.51 10.53 -22.56
N ALA F 84 -12.97 11.39 -21.69
CA ALA F 84 -11.73 12.12 -21.99
C ALA F 84 -10.59 11.20 -22.43
N ASP F 85 -10.49 10.03 -21.79
CA ASP F 85 -9.40 9.07 -22.03
C ASP F 85 -9.45 8.47 -23.45
N ASP F 86 -10.60 8.56 -24.11
CA ASP F 86 -10.78 8.05 -25.46
C ASP F 86 -10.10 8.88 -26.56
N ALA F 87 -9.46 9.98 -26.17
CA ALA F 87 -8.74 10.82 -27.12
C ALA F 87 -7.57 10.05 -27.71
N ALA F 88 -7.69 9.68 -28.99
CA ALA F 88 -6.81 8.69 -29.60
C ALA F 88 -7.16 8.42 -31.06
N THR F 89 -6.26 7.69 -31.71
CA THR F 89 -6.48 7.11 -33.02
C THR F 89 -6.85 5.64 -32.83
N TYR F 90 -7.83 5.20 -33.61
CA TYR F 90 -8.34 3.82 -33.57
C TYR F 90 -8.10 3.12 -34.93
N TYR F 91 -7.76 1.84 -34.88
CA TYR F 91 -7.45 1.04 -36.08
C TYR F 91 -8.14 -0.32 -36.03
N CYS F 92 -8.71 -0.74 -37.15
CA CYS F 92 -9.09 -2.14 -37.30
C CYS F 92 -7.86 -2.89 -37.80
N GLN F 93 -7.89 -4.22 -37.69
CA GLN F 93 -6.78 -5.07 -38.07
C GLN F 93 -7.34 -6.44 -38.39
N GLN F 94 -6.96 -7.00 -39.54
CA GLN F 94 -7.41 -8.35 -39.90
C GLN F 94 -6.22 -9.32 -39.96
N ASN F 95 -6.47 -10.59 -39.64
CA ASN F 95 -5.42 -11.60 -39.76
C ASN F 95 -6.02 -12.94 -40.21
N ASN F 96 -7.02 -12.86 -41.08
CA ASN F 96 -7.61 -14.04 -41.68
C ASN F 96 -6.72 -14.60 -42.78
N GLU F 97 -5.95 -13.70 -43.38
CA GLU F 97 -5.25 -14.00 -44.60
C GLU F 97 -3.98 -13.18 -44.52
N ASP F 98 -2.85 -13.80 -44.84
CA ASP F 98 -1.58 -13.08 -44.92
C ASP F 98 -1.53 -12.26 -46.21
N PRO F 99 -0.91 -11.07 -46.15
CA PRO F 99 -0.34 -10.51 -44.94
C PRO F 99 -1.41 -9.93 -44.02
N TRP F 100 -1.05 -9.70 -42.76
CA TRP F 100 -1.90 -9.03 -41.80
C TRP F 100 -2.02 -7.58 -42.20
N THR F 101 -3.22 -7.03 -42.11
CA THR F 101 -3.41 -5.61 -42.48
C THR F 101 -4.12 -4.74 -41.42
N PHE F 102 -3.73 -3.47 -41.36
CA PHE F 102 -4.38 -2.44 -40.56
C PHE F 102 -5.23 -1.53 -41.46
N GLY F 103 -6.29 -0.96 -40.89
CA GLY F 103 -7.04 0.11 -41.55
C GLY F 103 -6.24 1.38 -41.44
N GLY F 104 -6.70 2.42 -42.11
CA GLY F 104 -5.94 3.69 -42.17
C GLY F 104 -5.93 4.47 -40.87
N GLY F 105 -6.88 4.19 -39.99
CA GLY F 105 -6.97 4.90 -38.72
C GLY F 105 -8.04 5.96 -38.64
N THR F 106 -8.58 6.17 -37.44
CA THR F 106 -9.60 7.19 -37.21
C THR F 106 -9.19 7.99 -35.99
N LYS F 107 -9.14 9.31 -36.16
CA LYS F 107 -8.70 10.17 -35.09
C LYS F 107 -9.93 10.69 -34.35
N LEU F 108 -10.08 10.32 -33.08
CA LEU F 108 -11.20 10.78 -32.27
C LEU F 108 -10.84 12.00 -31.43
N GLU F 109 -11.52 13.12 -31.72
CA GLU F 109 -11.38 14.34 -30.95
C GLU F 109 -12.55 14.40 -29.97
N ILE F 110 -12.25 14.85 -28.76
CA ILE F 110 -13.25 14.90 -27.73
C ILE F 110 -13.67 16.34 -27.52
N LYS F 111 -14.97 16.58 -27.64
CA LYS F 111 -15.55 17.92 -27.47
C LYS F 111 -15.94 18.17 -26.01
N ARG F 112 -15.14 18.99 -25.34
CA ARG F 112 -15.41 19.46 -23.97
C ARG F 112 -15.91 20.91 -24.04
N ALA F 113 -16.16 21.51 -22.87
CA ALA F 113 -16.57 22.89 -22.80
C ALA F 113 -15.40 23.80 -23.18
N ASP F 114 -15.68 24.89 -23.89
CA ASP F 114 -14.64 25.83 -24.31
C ASP F 114 -13.79 26.35 -23.14
N ALA F 115 -12.49 26.45 -23.38
CA ALA F 115 -11.54 26.84 -22.35
C ALA F 115 -10.65 27.99 -22.81
N ALA F 116 -10.48 28.97 -21.93
CA ALA F 116 -9.65 30.14 -22.20
C ALA F 116 -8.18 29.79 -22.06
N PRO F 117 -7.36 30.14 -23.07
CA PRO F 117 -5.91 29.94 -23.01
C PRO F 117 -5.22 30.76 -21.92
N THR F 118 -4.14 30.21 -21.38
CA THR F 118 -3.27 30.92 -20.44
C THR F 118 -1.99 31.27 -21.18
N VAL F 119 -1.73 32.57 -21.31
CA VAL F 119 -0.63 33.05 -22.15
C VAL F 119 0.58 33.53 -21.34
N SER F 120 1.77 33.23 -21.86
CA SER F 120 3.03 33.66 -21.27
C SER F 120 4.01 34.01 -22.37
N ILE F 121 4.70 35.13 -22.22
CA ILE F 121 5.81 35.53 -23.09
C ILE F 121 7.14 35.41 -22.34
N PHE F 122 8.19 35.02 -23.05
CA PHE F 122 9.50 34.82 -22.43
C PHE F 122 10.64 35.48 -23.22
N PRO F 123 11.47 36.28 -22.51
CA PRO F 123 12.64 36.94 -23.10
C PRO F 123 13.79 35.94 -23.35
N PRO F 124 14.69 36.26 -24.30
CA PRO F 124 15.89 35.44 -24.52
C PRO F 124 16.87 35.56 -23.35
N SER F 125 17.44 34.43 -22.92
CA SER F 125 18.42 34.41 -21.83
C SER F 125 19.76 35.01 -22.27
N SER F 126 20.54 35.47 -21.29
CA SER F 126 21.86 36.05 -21.55
C SER F 126 22.76 35.09 -22.33
N GLU F 127 22.54 33.78 -22.10
CA GLU F 127 23.32 32.72 -22.73
C GLU F 127 23.03 32.57 -24.22
N GLN F 128 21.81 32.93 -24.63
CA GLN F 128 21.41 32.92 -26.04
C GLN F 128 22.10 34.04 -26.80
N LEU F 129 22.13 35.21 -26.19
CA LEU F 129 22.75 36.40 -26.77
C LEU F 129 24.28 36.27 -26.80
N THR F 130 24.82 35.39 -25.96
CA THR F 130 26.25 35.11 -25.89
C THR F 130 26.82 34.72 -27.27
N SER F 131 26.13 33.80 -27.95
CA SER F 131 26.57 33.32 -29.27
C SER F 131 25.76 33.90 -30.43
N GLY F 132 25.09 35.02 -30.18
CA GLY F 132 24.44 35.80 -31.25
C GLY F 132 23.12 35.26 -31.76
N GLY F 133 22.20 34.97 -30.84
CA GLY F 133 20.87 34.46 -31.19
C GLY F 133 19.81 34.87 -30.19
N ALA F 134 18.61 35.14 -30.70
CA ALA F 134 17.48 35.53 -29.84
C ALA F 134 16.18 34.80 -30.20
N SER F 135 15.65 34.06 -29.24
CA SER F 135 14.39 33.35 -29.40
C SER F 135 13.38 33.76 -28.33
N VAL F 136 12.30 34.40 -28.78
CA VAL F 136 11.22 34.81 -27.90
C VAL F 136 10.15 33.71 -27.92
N VAL F 137 10.01 33.02 -26.81
CA VAL F 137 9.06 31.91 -26.69
C VAL F 137 7.75 32.38 -26.06
N CYS F 138 6.64 32.02 -26.69
CA CYS F 138 5.30 32.31 -26.17
C CYS F 138 4.51 31.03 -25.96
N PHE F 139 4.04 30.83 -24.73
CA PHE F 139 3.21 29.67 -24.39
C PHE F 139 1.74 30.04 -24.32
N LEU F 140 0.91 29.26 -25.02
CA LEU F 140 -0.54 29.39 -24.97
C LEU F 140 -1.05 28.02 -24.48
N ASN F 141 -1.36 27.94 -23.19
CA ASN F 141 -1.62 26.66 -22.53
C ASN F 141 -3.08 26.35 -22.24
N ASN F 142 -3.39 25.05 -22.24
CA ASN F 142 -4.66 24.49 -21.76
C ASN F 142 -5.93 25.12 -22.31
N PHE F 143 -6.05 25.15 -23.63
CA PHE F 143 -7.25 25.72 -24.25
C PHE F 143 -8.07 24.69 -25.04
N TYR F 144 -9.32 25.05 -25.33
CA TYR F 144 -10.18 24.30 -26.24
C TYR F 144 -11.20 25.26 -26.90
N PRO F 145 -11.43 25.14 -28.23
CA PRO F 145 -10.92 24.17 -29.20
C PRO F 145 -9.46 24.41 -29.60
N LYS F 146 -8.94 23.54 -30.47
CA LYS F 146 -7.56 23.62 -30.93
C LYS F 146 -7.29 24.87 -31.76
N ASP F 147 -8.32 25.31 -32.48
CA ASP F 147 -8.23 26.44 -33.39
C ASP F 147 -7.91 27.72 -32.61
N ILE F 148 -6.86 28.41 -33.03
CA ILE F 148 -6.33 29.56 -32.30
C ILE F 148 -5.52 30.43 -33.26
N ASN F 149 -5.49 31.74 -32.99
CA ASN F 149 -4.68 32.67 -33.78
C ASN F 149 -3.67 33.40 -32.91
N VAL F 150 -2.44 33.52 -33.41
CA VAL F 150 -1.38 34.22 -32.70
C VAL F 150 -0.64 35.18 -33.63
N LYS F 151 -0.47 36.43 -33.19
CA LYS F 151 0.21 37.46 -33.96
C LYS F 151 1.38 38.04 -33.18
N TRP F 152 2.58 37.98 -33.79
CA TRP F 152 3.79 38.58 -33.22
C TRP F 152 3.92 40.01 -33.65
N LYS F 153 4.18 40.89 -32.68
CA LYS F 153 4.31 42.32 -32.95
C LYS F 153 5.50 42.97 -32.24
N ILE F 154 6.23 43.80 -32.98
CA ILE F 154 7.30 44.62 -32.40
C ILE F 154 6.82 46.07 -32.45
N ASP F 155 5.80 46.34 -31.63
CA ASP F 155 5.02 47.58 -31.67
C ASP F 155 4.46 47.85 -33.07
N GLY F 156 3.39 47.14 -33.39
CA GLY F 156 2.69 47.29 -34.67
C GLY F 156 2.93 46.17 -35.66
N SER F 157 4.14 46.10 -36.21
CA SER F 157 4.49 45.18 -37.29
C SER F 157 4.27 43.70 -36.97
N GLU F 158 3.56 43.01 -37.86
CA GLU F 158 3.22 41.60 -37.70
C GLU F 158 4.21 40.67 -38.42
N ARG F 159 4.94 39.88 -37.65
CA ARG F 159 6.01 39.02 -38.15
C ARG F 159 5.53 37.58 -38.36
N GLN F 160 5.88 37.00 -39.51
CA GLN F 160 5.52 35.61 -39.83
C GLN F 160 6.74 34.74 -40.15
N ASN F 161 7.75 35.30 -40.81
CA ASN F 161 9.01 34.60 -41.01
C ASN F 161 9.85 34.64 -39.74
N GLY F 162 10.42 33.49 -39.38
CA GLY F 162 11.11 33.33 -38.10
C GLY F 162 10.19 32.76 -37.03
N VAL F 163 8.89 32.71 -37.31
CA VAL F 163 7.90 32.15 -36.40
C VAL F 163 7.67 30.67 -36.68
N LEU F 164 7.84 29.84 -35.65
CA LEU F 164 7.56 28.41 -35.74
C LEU F 164 6.61 27.97 -34.63
N ASN F 165 5.57 27.24 -35.03
CA ASN F 165 4.47 26.88 -34.12
C ASN F 165 4.47 25.41 -33.77
N SER F 166 4.08 25.10 -32.52
CA SER F 166 3.99 23.72 -32.08
C SER F 166 2.83 23.47 -31.10
N TRP F 167 1.85 22.69 -31.55
CA TRP F 167 0.76 22.22 -30.67
C TRP F 167 1.08 20.87 -30.10
N THR F 168 0.59 20.61 -28.89
CA THR F 168 0.61 19.27 -28.34
C THR F 168 -0.61 18.46 -28.83
N ASP F 169 -0.66 17.18 -28.42
CA ASP F 169 -1.84 16.35 -28.64
C ASP F 169 -2.85 16.67 -27.56
N GLN F 170 -4.09 16.23 -27.75
CA GLN F 170 -5.18 16.48 -26.82
C GLN F 170 -4.97 15.72 -25.51
N ASP F 171 -5.04 16.45 -24.40
CA ASP F 171 -4.79 15.87 -23.10
C ASP F 171 -5.85 14.83 -22.73
N SER F 172 -5.38 13.68 -22.26
CA SER F 172 -6.25 12.55 -21.90
C SER F 172 -7.07 12.77 -20.63
N LYS F 173 -6.75 13.82 -19.89
CA LYS F 173 -7.41 14.12 -18.61
C LYS F 173 -8.40 15.28 -18.73
N ASP F 174 -7.92 16.42 -19.22
CA ASP F 174 -8.73 17.64 -19.29
C ASP F 174 -9.31 17.92 -20.67
N SER F 175 -8.76 17.26 -21.70
CA SER F 175 -9.24 17.37 -23.10
C SER F 175 -8.85 18.67 -23.80
N THR F 176 -7.84 19.35 -23.27
CA THR F 176 -7.37 20.62 -23.83
C THR F 176 -6.15 20.43 -24.70
N TYR F 177 -5.93 21.40 -25.59
CA TYR F 177 -4.70 21.49 -26.36
C TYR F 177 -3.79 22.55 -25.75
N SER F 178 -2.51 22.51 -26.12
CA SER F 178 -1.55 23.55 -25.72
C SER F 178 -0.60 23.88 -26.86
N MET F 179 -0.03 25.08 -26.81
CA MET F 179 0.72 25.62 -27.95
C MET F 179 1.92 26.48 -27.53
N SER F 180 3.03 26.30 -28.23
CA SER F 180 4.16 27.20 -28.13
C SER F 180 4.41 27.86 -29.47
N SER F 181 4.75 29.15 -29.41
CA SER F 181 5.11 29.92 -30.60
C SER F 181 6.47 30.55 -30.35
N THR F 182 7.44 30.26 -31.23
CA THR F 182 8.79 30.79 -31.10
C THR F 182 9.13 31.72 -32.27
N LEU F 183 9.69 32.87 -31.94
CA LEU F 183 10.22 33.80 -32.92
C LEU F 183 11.74 33.83 -32.82
N THR F 184 12.40 33.26 -33.84
CA THR F 184 13.86 33.17 -33.87
C THR F 184 14.43 34.29 -34.74
N LEU F 185 15.42 35.00 -34.18
CA LEU F 185 16.16 36.04 -34.90
C LEU F 185 17.55 36.25 -34.31
N THR F 186 18.46 36.80 -35.11
CA THR F 186 19.80 37.15 -34.64
C THR F 186 19.70 38.30 -33.63
N LYS F 187 20.57 38.31 -32.63
CA LYS F 187 20.58 39.35 -31.60
C LYS F 187 20.73 40.77 -32.20
N ASP F 188 21.29 40.83 -33.40
CA ASP F 188 21.48 42.09 -34.14
C ASP F 188 20.16 42.76 -34.50
N GLU F 189 19.26 42.00 -35.14
CA GLU F 189 17.92 42.49 -35.47
C GLU F 189 16.99 42.45 -34.25
N TYR F 190 17.43 41.79 -33.19
CA TYR F 190 16.68 41.72 -31.93
C TYR F 190 16.71 43.05 -31.17
N GLU F 191 17.90 43.52 -30.81
CA GLU F 191 18.06 44.72 -29.98
C GLU F 191 17.78 46.03 -30.74
N ARG F 192 16.90 45.96 -31.73
CA ARG F 192 16.34 47.14 -32.39
C ARG F 192 15.01 47.55 -31.73
N HIS F 193 14.72 46.92 -30.59
CA HIS F 193 13.56 47.24 -29.76
C HIS F 193 13.75 46.75 -28.34
N ASN F 194 12.79 47.09 -27.50
CA ASN F 194 12.68 46.56 -26.14
C ASN F 194 11.20 46.46 -25.75
N SER F 195 10.39 46.04 -26.72
CA SER F 195 8.93 45.93 -26.54
C SER F 195 8.36 44.92 -27.55
N TYR F 196 8.20 43.67 -27.10
CA TYR F 196 7.77 42.57 -27.97
C TYR F 196 6.41 41.98 -27.57
N THR F 197 5.58 41.74 -28.57
CA THR F 197 4.18 41.37 -28.37
C THR F 197 3.78 40.01 -28.97
N CYS F 198 3.25 39.15 -28.11
CA CYS F 198 2.59 37.91 -28.53
C CYS F 198 1.10 38.05 -28.21
N GLU F 199 0.25 38.05 -29.24
CA GLU F 199 -1.19 38.18 -29.01
C GLU F 199 -2.05 37.05 -29.61
N ALA F 200 -2.96 36.54 -28.77
CA ALA F 200 -3.75 35.35 -29.10
C ALA F 200 -5.25 35.62 -29.24
N THR F 201 -5.76 35.41 -30.44
CA THR F 201 -7.20 35.51 -30.71
C THR F 201 -7.82 34.12 -30.68
N HIS F 202 -8.69 33.89 -29.70
CA HIS F 202 -9.32 32.59 -29.50
C HIS F 202 -10.81 32.71 -29.37
N LYS F 203 -11.51 31.64 -29.76
CA LYS F 203 -12.97 31.51 -29.67
C LYS F 203 -13.58 32.05 -28.37
N THR F 204 -12.90 31.84 -27.24
CA THR F 204 -13.46 32.14 -25.91
C THR F 204 -13.52 33.62 -25.52
N SER F 205 -12.76 34.47 -26.21
CA SER F 205 -12.75 35.90 -25.94
C SER F 205 -13.10 36.69 -27.19
N THR F 206 -13.87 37.76 -27.03
CA THR F 206 -14.26 38.63 -28.14
C THR F 206 -13.06 39.40 -28.70
N SER F 207 -12.16 39.78 -27.80
CA SER F 207 -10.96 40.55 -28.15
C SER F 207 -9.69 39.80 -27.73
N PRO F 208 -8.58 40.01 -28.47
CA PRO F 208 -7.30 39.30 -28.24
C PRO F 208 -6.79 39.36 -26.79
N ILE F 209 -5.83 38.49 -26.47
CA ILE F 209 -5.13 38.53 -25.18
C ILE F 209 -3.65 38.77 -25.44
N VAL F 210 -3.13 39.86 -24.88
CA VAL F 210 -1.79 40.35 -25.19
C VAL F 210 -0.83 40.17 -24.00
N LYS F 211 0.36 39.66 -24.28
CA LYS F 211 1.43 39.56 -23.29
C LYS F 211 2.74 40.11 -23.86
N SER F 212 3.37 41.03 -23.13
CA SER F 212 4.56 41.73 -23.61
C SER F 212 5.62 41.94 -22.53
N PHE F 213 6.87 42.14 -22.95
CA PHE F 213 7.96 42.41 -22.03
C PHE F 213 8.82 43.59 -22.50
N ASN F 214 9.74 44.02 -21.65
CA ASN F 214 10.68 45.11 -21.96
C ASN F 214 12.12 44.74 -21.63
#